data_5OBI
#
_entry.id   5OBI
#
_cell.length_a   73.585
_cell.length_b   73.585
_cell.length_c   185.284
_cell.angle_alpha   90.00
_cell.angle_beta   90.00
_cell.angle_gamma   90.00
#
_symmetry.space_group_name_H-M   'P 41'
#
loop_
_entity.id
_entity.type
_entity.pdbx_description
1 polymer 'Tetrachloroethene reductive dehalogenase catalytic subunit PceA'
2 non-polymer 'IRON/SULFUR CLUSTER'
3 non-polymer 5-Methoxybenzimidazolyl-norcobamide
4 non-polymer BENZAMIDINE
5 non-polymer GLYCEROL
6 water water
#
_entity_poly.entity_id   1
_entity_poly.type   'polypeptide(L)'
_entity_poly.pdbx_seq_one_letter_code
;AEKEKNAAEIRQQFAMTAGSPIIVNDKLERYAEVRTAFTHPTSFFKPNYKGEVKPWFLSAYDEKVRQIENGENGPKMKAK
NVGEARAGRALEAAGWTLDINYGNIYPNRFFMLWSGETMTNTQLWAPVGLDRRPPDTTDPVELTNYVKFAARMAGADLVG
VARLNRNWVYSEAVTIPADVPYEQSLHKEIEKPIVFKDVPLPIETDDELIIPNTCENVIVAGIAMNREMMQTAPNSMACA
TTAFCYSRMCMFDMWLCQFIRYMGYYAIPSCNGVGQSVAFAVEAGLGQASRMGACITPEFGPNVRLTKVFTNMPLVPDKP
IDFGVTEFCETCKKCARECPSKAITEGPRTFEGRSIHNQSGKLQWQNDYNKCLGYWPESGGYCGVCVAVCPFTKGNIWIH
DGVEWLIDNTRFLDPLMLGMDDALGYGAKRNITEVWDGKINTYGLDADHFRDTVSFRKDRVKKS
;
_entity_poly.pdbx_strand_id   A,B
#
loop_
_chem_comp.id
_chem_comp.type
_chem_comp.name
_chem_comp.formula
BEN non-polymer BENZAMIDINE 'C7 H8 N2'
GOL non-polymer GLYCEROL 'C3 H8 O3'
OBL non-polymer 5-Methoxybenzimidazolyl-norcobamide 'C60 H85 Co N13 O15 P 3'
SF4 non-polymer 'IRON/SULFUR CLUSTER' 'Fe4 S4'
#
# COMPACT_ATOMS: atom_id res chain seq x y z
N ALA A 1 10.00 20.12 -32.79
CA ALA A 1 10.35 19.07 -31.85
C ALA A 1 9.14 18.68 -31.01
N GLU A 2 9.13 17.46 -30.47
CA GLU A 2 7.98 16.99 -29.72
C GLU A 2 7.90 17.71 -28.37
N LYS A 3 6.73 18.25 -28.05
CA LYS A 3 6.55 18.89 -26.77
C LYS A 3 6.42 17.84 -25.67
N GLU A 4 7.22 18.01 -24.62
CA GLU A 4 7.22 17.06 -23.53
C GLU A 4 5.86 17.04 -22.85
N LYS A 5 5.32 15.84 -22.69
CA LYS A 5 3.97 15.69 -22.17
C LYS A 5 3.83 16.35 -20.80
N ASN A 6 2.69 16.99 -20.56
CA ASN A 6 2.49 17.83 -19.38
C ASN A 6 1.07 17.63 -18.87
N ALA A 7 0.91 16.71 -17.90
CA ALA A 7 -0.42 16.40 -17.40
C ALA A 7 -1.05 17.60 -16.68
N ALA A 8 -0.24 18.44 -16.04
CA ALA A 8 -0.82 19.58 -15.34
C ALA A 8 -1.38 20.60 -16.33
N GLU A 9 -0.65 20.83 -17.43
CA GLU A 9 -1.14 21.70 -18.50
C GLU A 9 -2.44 21.19 -19.09
N ILE A 10 -2.51 19.87 -19.31
CA ILE A 10 -3.71 19.25 -19.87
C ILE A 10 -4.90 19.51 -18.95
N ARG A 11 -4.74 19.25 -17.65
CA ARG A 11 -5.86 19.47 -16.73
C ARG A 11 -6.26 20.94 -16.68
N GLN A 12 -5.27 21.85 -16.73
CA GLN A 12 -5.60 23.27 -16.72
C GLN A 12 -6.37 23.66 -17.99
N GLN A 13 -6.01 23.08 -19.13
CA GLN A 13 -6.65 23.45 -20.38
C GLN A 13 -8.12 23.07 -20.40
N PHE A 14 -8.46 21.92 -19.83
CA PHE A 14 -9.79 21.35 -19.92
C PHE A 14 -10.63 21.59 -18.66
N ALA A 15 -10.16 22.39 -17.71
CA ALA A 15 -10.93 22.70 -16.52
C ALA A 15 -12.20 23.45 -16.87
N MET A 16 -13.31 23.09 -16.20
CA MET A 16 -14.61 23.75 -16.35
C MET A 16 -14.82 24.75 -15.21
N THR A 17 -15.82 25.61 -15.39
CA THR A 17 -16.27 26.44 -14.28
C THR A 17 -16.97 25.56 -13.24
N ALA A 18 -17.04 26.08 -12.01
CA ALA A 18 -17.58 25.32 -10.90
C ALA A 18 -19.01 24.88 -11.16
N GLY A 19 -19.38 23.73 -10.60
CA GLY A 19 -20.73 23.20 -10.72
C GLY A 19 -20.73 21.73 -11.06
N SER A 20 -21.55 20.93 -10.38
CA SER A 20 -21.61 19.50 -10.68
C SER A 20 -21.98 19.32 -12.14
N PRO A 21 -21.20 18.58 -12.92
CA PRO A 21 -21.54 18.40 -14.35
C PRO A 21 -22.61 17.37 -14.61
N ILE A 22 -23.04 16.61 -13.59
CA ILE A 22 -24.02 15.54 -13.78
C ILE A 22 -25.39 16.16 -13.93
N ILE A 23 -26.08 15.82 -15.02
CA ILE A 23 -27.40 16.38 -15.32
C ILE A 23 -28.46 15.47 -14.72
N VAL A 24 -29.38 16.06 -13.95
CA VAL A 24 -30.35 15.28 -13.20
C VAL A 24 -31.74 15.82 -13.48
N ASN A 25 -32.74 14.99 -13.19
CA ASN A 25 -34.11 15.49 -13.23
C ASN A 25 -34.85 15.09 -11.96
N ASP A 26 -36.17 15.30 -11.95
CA ASP A 26 -36.95 15.15 -10.73
C ASP A 26 -37.12 13.70 -10.30
N LYS A 27 -36.86 12.74 -11.19
CA LYS A 27 -36.97 11.33 -10.81
C LYS A 27 -35.89 10.88 -9.85
N LEU A 28 -34.86 11.69 -9.62
CA LEU A 28 -33.68 11.23 -8.90
C LEU A 28 -34.00 10.99 -7.42
N GLU A 29 -33.66 9.80 -6.94
CA GLU A 29 -33.72 9.45 -5.53
C GLU A 29 -32.42 8.78 -5.15
N ARG A 30 -32.05 8.86 -3.88
CA ARG A 30 -30.87 8.12 -3.45
C ARG A 30 -31.10 6.62 -3.62
N TYR A 31 -30.01 5.92 -3.86
CA TYR A 31 -30.04 4.53 -4.35
C TYR A 31 -29.64 3.59 -3.22
N ALA A 32 -30.46 2.56 -2.99
CA ALA A 32 -30.14 1.59 -1.94
C ALA A 32 -29.07 0.62 -2.44
N GLU A 33 -27.99 0.49 -1.67
CA GLU A 33 -26.82 -0.27 -2.12
C GLU A 33 -27.17 -1.72 -2.45
N VAL A 34 -28.21 -2.27 -1.83
CA VAL A 34 -28.56 -3.67 -2.08
C VAL A 34 -28.93 -3.91 -3.53
N ARG A 35 -29.26 -2.84 -4.26
CA ARG A 35 -29.64 -2.95 -5.66
C ARG A 35 -28.49 -3.27 -6.59
N THR A 36 -27.23 -3.14 -6.15
CA THR A 36 -26.13 -3.44 -7.08
C THR A 36 -26.18 -4.92 -7.48
N ALA A 37 -25.61 -5.23 -8.65
CA ALA A 37 -25.70 -6.60 -9.14
C ALA A 37 -25.03 -7.58 -8.18
N PHE A 38 -24.02 -7.13 -7.44
CA PHE A 38 -23.32 -8.01 -6.51
C PHE A 38 -24.23 -8.50 -5.39
N THR A 39 -25.23 -7.71 -5.02
CA THR A 39 -25.96 -7.96 -3.79
C THR A 39 -27.43 -8.24 -4.01
N HIS A 40 -28.02 -7.78 -5.11
CA HIS A 40 -29.45 -7.94 -5.29
C HIS A 40 -29.80 -9.40 -5.52
N PRO A 41 -30.89 -9.88 -4.93
CA PRO A 41 -31.26 -11.30 -5.13
C PRO A 41 -31.46 -11.71 -6.58
N THR A 42 -31.86 -10.78 -7.46
CA THR A 42 -32.09 -11.15 -8.85
C THR A 42 -30.81 -11.45 -9.62
N SER A 43 -29.68 -10.91 -9.17
CA SER A 43 -28.42 -11.02 -9.87
C SER A 43 -27.35 -11.76 -9.09
N PHE A 44 -27.50 -11.89 -7.77
CA PHE A 44 -26.48 -12.47 -6.90
C PHE A 44 -26.19 -13.92 -7.28
N PHE A 45 -27.18 -14.64 -7.76
CA PHE A 45 -27.04 -16.06 -8.09
C PHE A 45 -26.74 -16.23 -9.57
N LYS A 46 -25.77 -17.07 -9.87
CA LYS A 46 -25.35 -17.37 -11.24
C LYS A 46 -25.01 -18.84 -11.35
N PRO A 47 -25.27 -19.46 -12.50
CA PRO A 47 -24.90 -20.87 -12.66
C PRO A 47 -23.39 -21.01 -12.83
N ASN A 48 -22.87 -22.15 -12.38
CA ASN A 48 -21.48 -22.49 -12.68
C ASN A 48 -21.45 -23.29 -13.98
N TYR A 49 -20.28 -23.81 -14.35
CA TYR A 49 -20.17 -24.44 -15.66
C TYR A 49 -20.86 -25.81 -15.71
N LYS A 50 -21.24 -26.36 -14.57
CA LYS A 50 -22.06 -27.57 -14.51
C LYS A 50 -23.55 -27.25 -14.42
N GLY A 51 -23.93 -25.97 -14.49
CA GLY A 51 -25.31 -25.59 -14.38
C GLY A 51 -25.85 -25.44 -12.97
N GLU A 52 -25.01 -25.59 -11.95
CA GLU A 52 -25.45 -25.41 -10.56
C GLU A 52 -25.53 -23.93 -10.21
N VAL A 53 -26.62 -23.54 -9.55
CA VAL A 53 -26.88 -22.14 -9.24
C VAL A 53 -26.31 -21.80 -7.87
N LYS A 54 -25.37 -20.84 -7.83
CA LYS A 54 -24.63 -20.51 -6.61
C LYS A 54 -24.45 -19.00 -6.50
N PRO A 55 -24.06 -18.48 -5.33
CA PRO A 55 -23.54 -17.11 -5.29
C PRO A 55 -22.51 -16.91 -6.40
N TRP A 56 -22.58 -15.75 -7.05
CA TRP A 56 -21.77 -15.52 -8.24
C TRP A 56 -20.30 -15.86 -8.02
N PHE A 57 -19.74 -15.48 -6.86
CA PHE A 57 -18.30 -15.64 -6.69
C PHE A 57 -17.92 -17.10 -6.46
N LEU A 58 -18.83 -17.91 -5.93
CA LEU A 58 -18.58 -19.34 -5.81
C LEU A 58 -18.62 -20.03 -7.17
N SER A 59 -19.56 -19.64 -8.04
CA SER A 59 -19.55 -20.17 -9.40
C SER A 59 -18.27 -19.76 -10.13
N ALA A 60 -17.78 -18.55 -9.87
CA ALA A 60 -16.52 -18.14 -10.50
C ALA A 60 -15.33 -18.94 -9.95
N TYR A 61 -15.34 -19.23 -8.64
CA TYR A 61 -14.33 -20.10 -8.06
C TYR A 61 -14.27 -21.43 -8.79
N ASP A 62 -15.45 -22.02 -9.07
CA ASP A 62 -15.49 -23.30 -9.77
C ASP A 62 -14.76 -23.21 -11.10
N GLU A 63 -14.91 -22.07 -11.79
CA GLU A 63 -14.25 -21.89 -13.08
C GLU A 63 -12.75 -21.67 -12.94
N LYS A 64 -12.32 -20.94 -11.89
CA LYS A 64 -10.89 -20.81 -11.66
C LYS A 64 -10.25 -22.18 -11.44
N VAL A 65 -10.88 -23.02 -10.62
CA VAL A 65 -10.35 -24.36 -10.36
C VAL A 65 -10.29 -25.16 -11.64
N ARG A 66 -11.36 -25.11 -12.43
CA ARG A 66 -11.40 -25.82 -13.72
C ARG A 66 -10.26 -25.36 -14.63
N GLN A 67 -10.02 -24.05 -14.69
CA GLN A 67 -8.97 -23.55 -15.59
C GLN A 67 -7.59 -23.99 -15.14
N ILE A 68 -7.30 -23.95 -13.84
CA ILE A 68 -5.98 -24.37 -13.37
C ILE A 68 -5.75 -25.83 -13.73
N GLU A 69 -6.75 -26.69 -13.46
CA GLU A 69 -6.59 -28.11 -13.76
C GLU A 69 -6.37 -28.35 -15.24
N ASN A 70 -6.92 -27.48 -16.09
CA ASN A 70 -6.79 -27.61 -17.54
C ASN A 70 -5.68 -26.73 -18.10
N GLY A 71 -4.85 -26.15 -17.25
CA GLY A 71 -3.74 -25.32 -17.74
C GLY A 71 -4.18 -24.12 -18.53
N GLU A 72 -5.19 -23.39 -18.06
CA GLU A 72 -5.69 -22.21 -18.75
C GLU A 72 -5.58 -20.98 -17.85
N ASN A 73 -5.34 -19.83 -18.48
CA ASN A 73 -5.30 -18.54 -17.79
C ASN A 73 -6.63 -17.80 -17.88
N GLY A 74 -7.60 -18.35 -18.60
CA GLY A 74 -8.86 -17.70 -18.82
C GLY A 74 -9.73 -18.57 -19.69
N PRO A 75 -10.92 -18.10 -20.05
CA PRO A 75 -11.85 -18.94 -20.82
C PRO A 75 -11.28 -19.24 -22.21
N LYS A 76 -11.08 -20.53 -22.49
CA LYS A 76 -10.52 -21.01 -23.76
C LYS A 76 -9.09 -20.53 -23.99
N MET A 77 -8.44 -19.95 -23.00
CA MET A 77 -7.11 -19.37 -23.18
C MET A 77 -6.10 -20.27 -22.49
N LYS A 78 -5.38 -21.06 -23.28
CA LYS A 78 -4.41 -21.97 -22.71
C LYS A 78 -3.22 -21.20 -22.14
N ALA A 79 -2.77 -21.64 -20.96
CA ALA A 79 -1.54 -21.13 -20.38
C ALA A 79 -0.34 -21.88 -20.94
N LYS A 80 0.86 -21.41 -20.60
CA LYS A 80 2.07 -22.15 -20.95
C LYS A 80 2.04 -23.55 -20.35
N ASN A 81 1.56 -23.67 -19.11
CA ASN A 81 1.45 -24.95 -18.41
C ASN A 81 0.58 -24.73 -17.17
N VAL A 82 0.38 -25.80 -16.40
CA VAL A 82 -0.48 -25.70 -15.22
C VAL A 82 0.13 -24.76 -14.18
N GLY A 83 1.46 -24.79 -14.06
CA GLY A 83 2.11 -23.93 -13.08
C GLY A 83 1.88 -22.45 -13.35
N GLU A 84 1.89 -22.07 -14.64
CA GLU A 84 1.58 -20.67 -14.97
C GLU A 84 0.13 -20.35 -14.64
N ALA A 85 -0.81 -21.24 -14.99
CA ALA A 85 -2.21 -21.02 -14.62
C ALA A 85 -2.33 -20.84 -13.12
N ARG A 86 -1.67 -21.70 -12.34
CA ARG A 86 -1.69 -21.62 -10.89
C ARG A 86 -1.13 -20.29 -10.39
N ALA A 87 -0.02 -19.84 -10.97
CA ALA A 87 0.63 -18.63 -10.50
C ALA A 87 -0.26 -17.39 -10.67
N GLY A 88 -1.01 -17.32 -11.77
CA GLY A 88 -1.87 -16.17 -11.99
C GLY A 88 -2.99 -16.09 -10.98
N ARG A 89 -3.57 -17.24 -10.61
CA ARG A 89 -4.62 -17.23 -9.60
C ARG A 89 -4.05 -17.01 -8.20
N ALA A 90 -2.83 -17.51 -7.92
CA ALA A 90 -2.20 -17.21 -6.64
C ALA A 90 -1.94 -15.72 -6.49
N LEU A 91 -1.48 -15.06 -7.56
CA LEU A 91 -1.28 -13.61 -7.52
C LEU A 91 -2.60 -12.87 -7.32
N GLU A 92 -3.64 -13.27 -8.06
CA GLU A 92 -4.96 -12.65 -7.88
C GLU A 92 -5.46 -12.79 -6.45
N ALA A 93 -5.42 -14.01 -5.92
CA ALA A 93 -5.93 -14.23 -4.56
C ALA A 93 -5.15 -13.40 -3.54
N ALA A 94 -3.82 -13.39 -3.66
CA ALA A 94 -3.00 -12.63 -2.72
C ALA A 94 -3.29 -11.14 -2.79
N GLY A 95 -3.60 -10.63 -4.00
CA GLY A 95 -3.84 -9.20 -4.14
C GLY A 95 -4.90 -8.67 -3.21
N TRP A 96 -5.92 -9.50 -2.89
CA TRP A 96 -7.08 -9.16 -2.08
C TRP A 96 -6.81 -9.17 -0.58
N THR A 97 -5.55 -9.30 -0.14
CA THR A 97 -5.25 -9.55 1.27
C THR A 97 -5.89 -8.53 2.21
N LEU A 98 -5.89 -7.24 1.84
CA LEU A 98 -6.42 -6.20 2.71
C LEU A 98 -7.81 -5.75 2.30
N ASP A 99 -8.65 -6.65 1.82
CA ASP A 99 -10.00 -6.31 1.37
C ASP A 99 -10.98 -7.36 1.88
N ILE A 100 -12.12 -6.90 2.41
CA ILE A 100 -13.14 -7.79 2.96
C ILE A 100 -14.24 -8.04 1.91
N ASN A 101 -14.44 -9.30 1.56
CA ASN A 101 -15.60 -9.76 0.80
C ASN A 101 -15.82 -8.95 -0.49
N TYR A 102 -14.72 -8.73 -1.22
CA TYR A 102 -14.71 -8.11 -2.54
C TYR A 102 -15.30 -6.69 -2.50
N GLY A 103 -14.62 -5.83 -1.75
CA GLY A 103 -14.86 -4.40 -1.88
C GLY A 103 -14.89 -3.56 -0.62
N ASN A 104 -14.83 -4.18 0.56
CA ASN A 104 -14.84 -3.44 1.82
C ASN A 104 -16.12 -2.60 1.96
N ILE A 105 -17.27 -3.14 1.54
CA ILE A 105 -18.45 -2.26 1.48
C ILE A 105 -19.11 -2.02 2.85
N TYR A 106 -19.00 -2.93 3.82
CA TYR A 106 -19.74 -2.75 5.10
C TYR A 106 -19.19 -1.54 5.84
N PRO A 107 -19.96 -0.49 6.06
CA PRO A 107 -19.42 0.68 6.75
C PRO A 107 -19.21 0.41 8.23
N ASN A 108 -18.13 1.01 8.76
CA ASN A 108 -17.82 0.92 10.19
C ASN A 108 -17.61 -0.53 10.64
N ARG A 109 -17.10 -1.36 9.74
CA ARG A 109 -16.70 -2.74 10.05
C ARG A 109 -15.28 -2.97 9.54
N PHE A 110 -14.56 -3.86 10.24
CA PHE A 110 -13.25 -4.34 9.81
C PHE A 110 -12.29 -3.18 9.56
N PHE A 111 -11.89 -2.96 8.30
CA PHE A 111 -10.96 -1.87 7.99
C PHE A 111 -11.65 -0.50 7.88
N MET A 112 -12.97 -0.48 7.70
CA MET A 112 -13.67 0.76 7.36
C MET A 112 -14.24 1.44 8.60
N LEU A 113 -13.45 1.55 9.67
CA LEU A 113 -14.00 2.14 10.89
C LEU A 113 -14.24 3.64 10.72
N TRP A 114 -15.38 4.10 11.25
CA TRP A 114 -15.77 5.50 11.17
C TRP A 114 -15.15 6.36 12.25
N SER A 115 -14.60 5.75 13.29
CA SER A 115 -13.79 6.43 14.27
C SER A 115 -12.45 5.71 14.36
N GLY A 116 -11.39 6.47 14.62
CA GLY A 116 -10.11 5.83 14.85
C GLY A 116 -9.87 5.32 16.26
N GLU A 117 -10.80 5.53 17.20
CA GLU A 117 -10.51 5.35 18.62
C GLU A 117 -9.99 3.95 18.97
N THR A 118 -10.54 2.90 18.35
CA THR A 118 -10.14 1.54 18.71
C THR A 118 -8.94 1.04 17.93
N MET A 119 -8.44 1.78 16.94
CA MET A 119 -7.35 1.26 16.13
C MET A 119 -6.06 1.17 16.93
N THR A 120 -5.26 0.14 16.65
CA THR A 120 -4.00 -0.06 17.37
C THR A 120 -3.08 1.15 17.21
N ASN A 121 -3.06 1.76 16.02
CA ASN A 121 -2.24 2.96 15.82
C ASN A 121 -2.72 4.11 16.70
N THR A 122 -4.03 4.32 16.77
CA THR A 122 -4.56 5.42 17.58
C THR A 122 -4.25 5.20 19.06
N GLN A 123 -4.40 3.97 19.54
CA GLN A 123 -4.06 3.64 20.92
C GLN A 123 -2.59 3.92 21.21
N LEU A 124 -1.70 3.52 20.29
CA LEU A 124 -0.26 3.71 20.52
C LEU A 124 0.08 5.19 20.63
N TRP A 125 -0.58 6.02 19.83
CA TRP A 125 -0.31 7.46 19.76
C TRP A 125 -1.14 8.29 20.71
N ALA A 126 -2.04 7.68 21.48
CA ALA A 126 -2.96 8.44 22.31
C ALA A 126 -2.29 9.48 23.22
N PRO A 127 -1.10 9.24 23.78
CA PRO A 127 -0.51 10.27 24.68
C PRO A 127 -0.24 11.61 24.00
N VAL A 128 -0.04 11.64 22.69
CA VAL A 128 0.19 12.92 22.02
C VAL A 128 -1.09 13.73 21.89
N GLY A 129 -2.25 13.08 21.91
CA GLY A 129 -3.50 13.79 21.86
C GLY A 129 -3.85 14.40 20.52
N LEU A 130 -3.23 13.92 19.42
CA LEU A 130 -3.51 14.54 18.12
C LEU A 130 -4.98 14.40 17.73
N ASP A 131 -5.63 13.31 18.12
CA ASP A 131 -7.02 13.13 17.72
C ASP A 131 -7.99 13.82 18.68
N ARG A 132 -7.51 14.34 19.80
CA ARG A 132 -8.37 15.07 20.74
C ARG A 132 -8.10 16.57 20.75
N ARG A 133 -6.98 17.03 20.21
CA ARG A 133 -6.62 18.44 20.17
C ARG A 133 -7.39 19.14 19.05
N PRO A 134 -7.99 20.30 19.30
CA PRO A 134 -8.71 21.01 18.24
C PRO A 134 -7.78 21.36 17.09
N PRO A 135 -8.30 21.53 15.88
CA PRO A 135 -7.44 21.82 14.73
C PRO A 135 -6.60 23.07 14.96
N ASP A 136 -5.33 23.01 14.53
CA ASP A 136 -4.48 24.18 14.50
C ASP A 136 -4.51 24.89 13.15
N THR A 137 -5.12 24.28 12.15
CA THR A 137 -5.32 24.88 10.84
C THR A 137 -6.79 24.78 10.47
N THR A 138 -7.41 25.91 10.15
CA THR A 138 -8.76 25.91 9.61
C THR A 138 -8.84 26.51 8.22
N ASP A 139 -7.74 27.05 7.71
CA ASP A 139 -7.71 27.64 6.38
C ASP A 139 -7.87 26.56 5.32
N PRO A 140 -8.93 26.59 4.50
CA PRO A 140 -9.11 25.52 3.50
C PRO A 140 -7.97 25.42 2.51
N VAL A 141 -7.31 26.54 2.20
CA VAL A 141 -6.23 26.49 1.22
C VAL A 141 -5.07 25.66 1.74
N GLU A 142 -4.63 25.93 2.98
CA GLU A 142 -3.51 25.17 3.54
C GLU A 142 -3.92 23.72 3.79
N LEU A 143 -5.15 23.49 4.24
CA LEU A 143 -5.60 22.12 4.50
C LEU A 143 -5.63 21.31 3.21
N THR A 144 -6.05 21.92 2.10
CA THR A 144 -6.10 21.20 0.83
C THR A 144 -4.71 20.75 0.41
N ASN A 145 -3.72 21.64 0.56
CA ASN A 145 -2.34 21.28 0.24
C ASN A 145 -1.86 20.15 1.15
N TYR A 146 -2.10 20.29 2.46
CA TYR A 146 -1.66 19.26 3.40
C TYR A 146 -2.31 17.91 3.10
N VAL A 147 -3.62 17.90 2.88
CA VAL A 147 -4.30 16.62 2.75
C VAL A 147 -3.99 15.98 1.40
N LYS A 148 -3.74 16.77 0.36
CA LYS A 148 -3.37 16.14 -0.91
C LYS A 148 -1.95 15.59 -0.87
N PHE A 149 -1.03 16.28 -0.18
CA PHE A 149 0.31 15.73 0.01
C PHE A 149 0.22 14.39 0.73
N ALA A 150 -0.55 14.35 1.82
CA ALA A 150 -0.76 13.10 2.55
C ALA A 150 -1.37 12.04 1.65
N ALA A 151 -2.32 12.44 0.80
CA ALA A 151 -2.96 11.46 -0.09
C ALA A 151 -1.95 10.81 -1.03
N ARG A 152 -0.98 11.58 -1.53
CA ARG A 152 0.03 10.98 -2.39
C ARG A 152 0.93 10.04 -1.61
N MET A 153 1.34 10.42 -0.38
CA MET A 153 2.09 9.48 0.45
C MET A 153 1.30 8.19 0.67
N ALA A 154 -0.02 8.30 0.76
CA ALA A 154 -0.89 7.18 1.04
C ALA A 154 -1.22 6.34 -0.19
N GLY A 155 -0.61 6.63 -1.33
CA GLY A 155 -0.71 5.78 -2.49
C GLY A 155 -1.69 6.20 -3.56
N ALA A 156 -2.29 7.38 -3.46
CA ALA A 156 -3.11 7.88 -4.55
C ALA A 156 -2.22 8.33 -5.70
N ASP A 157 -2.59 7.94 -6.91
CA ASP A 157 -1.98 8.49 -8.12
C ASP A 157 -2.67 9.76 -8.58
N LEU A 158 -3.97 9.88 -8.31
CA LEU A 158 -4.76 11.08 -8.54
C LEU A 158 -5.51 11.42 -7.26
N VAL A 159 -5.69 12.70 -6.97
CA VAL A 159 -6.53 13.09 -5.83
C VAL A 159 -7.28 14.35 -6.19
N GLY A 160 -8.54 14.41 -5.78
CA GLY A 160 -9.35 15.61 -5.98
C GLY A 160 -10.34 15.76 -4.84
N VAL A 161 -10.91 16.97 -4.75
CA VAL A 161 -11.84 17.33 -3.68
C VAL A 161 -13.14 17.83 -4.31
N ALA A 162 -14.28 17.41 -3.76
CA ALA A 162 -15.56 18.00 -4.12
C ALA A 162 -16.40 18.25 -2.87
N ARG A 163 -17.33 19.20 -2.95
CA ARG A 163 -18.41 19.22 -1.97
C ARG A 163 -19.18 17.91 -2.06
N LEU A 164 -19.62 17.41 -0.92
CA LEU A 164 -20.34 16.13 -0.90
C LEU A 164 -21.75 16.33 -1.45
N ASN A 165 -22.05 15.62 -2.54
CA ASN A 165 -23.40 15.61 -3.12
C ASN A 165 -24.11 14.37 -2.58
N ARG A 166 -25.12 14.60 -1.73
CA ARG A 166 -25.77 13.47 -1.07
C ARG A 166 -26.56 12.60 -2.04
N ASN A 167 -26.82 13.07 -3.26
CA ASN A 167 -27.51 12.24 -4.24
C ASN A 167 -26.78 10.93 -4.49
N TRP A 168 -25.45 10.91 -4.34
CA TRP A 168 -24.66 9.73 -4.65
C TRP A 168 -24.34 8.88 -3.43
N VAL A 169 -24.73 9.33 -2.24
CA VAL A 169 -24.61 8.51 -1.04
C VAL A 169 -25.75 7.52 -0.99
N TYR A 170 -25.44 6.24 -0.75
CA TYR A 170 -26.47 5.21 -0.73
C TYR A 170 -27.54 5.56 0.30
N SER A 171 -28.81 5.30 -0.05
CA SER A 171 -29.89 5.53 0.91
C SER A 171 -29.79 4.58 2.08
N GLU A 172 -29.46 3.32 1.81
CA GLU A 172 -29.22 2.29 2.80
C GLU A 172 -27.98 1.52 2.38
N ALA A 173 -27.11 1.24 3.34
CA ALA A 173 -25.90 0.46 3.08
C ALA A 173 -26.18 -1.03 3.24
N VAL A 174 -25.35 -1.84 2.61
CA VAL A 174 -25.25 -3.26 2.93
C VAL A 174 -24.18 -3.43 4.00
N THR A 175 -24.52 -4.09 5.09
CA THR A 175 -23.56 -4.26 6.19
C THR A 175 -23.87 -5.56 6.92
N ILE A 176 -23.21 -5.75 8.07
CA ILE A 176 -23.54 -6.89 8.95
C ILE A 176 -23.75 -6.36 10.37
N PRO A 177 -24.54 -7.06 11.20
CA PRO A 177 -24.66 -6.65 12.58
C PRO A 177 -23.30 -6.65 13.26
N ALA A 178 -23.14 -5.77 14.25
CA ALA A 178 -21.83 -5.56 14.85
C ALA A 178 -21.35 -6.77 15.64
N ASP A 179 -22.23 -7.70 16.00
CA ASP A 179 -21.84 -8.88 16.75
C ASP A 179 -21.58 -10.10 15.87
N VAL A 180 -21.56 -9.94 14.55
CA VAL A 180 -21.37 -11.09 13.66
C VAL A 180 -19.89 -11.21 13.29
N PRO A 181 -19.27 -12.36 13.53
CA PRO A 181 -17.85 -12.54 13.20
C PRO A 181 -17.67 -12.75 11.70
N TYR A 182 -16.42 -12.63 11.25
CA TYR A 182 -16.16 -12.64 9.82
C TYR A 182 -16.69 -13.90 9.15
N GLU A 183 -16.49 -15.07 9.77
CA GLU A 183 -16.82 -16.31 9.08
C GLU A 183 -18.32 -16.45 8.77
N GLN A 184 -19.17 -15.69 9.46
CA GLN A 184 -20.60 -15.70 9.18
C GLN A 184 -21.05 -14.50 8.35
N SER A 185 -20.14 -13.58 8.01
CA SER A 185 -20.55 -12.30 7.43
C SER A 185 -21.37 -12.47 6.16
N LEU A 186 -20.95 -13.37 5.26
CA LEU A 186 -21.64 -13.45 3.98
C LEU A 186 -23.05 -14.01 4.11
N HIS A 187 -23.35 -14.71 5.19
CA HIS A 187 -24.67 -15.26 5.44
C HIS A 187 -25.56 -14.33 6.26
N LYS A 188 -25.03 -13.23 6.79
CA LYS A 188 -25.74 -12.38 7.73
C LYS A 188 -25.84 -10.93 7.29
N GLU A 189 -25.70 -10.65 6.00
CA GLU A 189 -25.75 -9.27 5.53
C GLU A 189 -27.15 -8.68 5.72
N ILE A 190 -27.20 -7.40 6.06
CA ILE A 190 -28.44 -6.66 6.31
C ILE A 190 -28.35 -5.32 5.60
N GLU A 191 -29.46 -4.60 5.57
CA GLU A 191 -29.47 -3.21 5.14
C GLU A 191 -29.56 -2.30 6.35
N LYS A 192 -28.97 -1.11 6.23
CA LYS A 192 -29.00 -0.12 7.30
C LYS A 192 -29.00 1.28 6.69
N PRO A 193 -29.95 2.15 7.07
CA PRO A 193 -30.02 3.48 6.44
C PRO A 193 -28.79 4.33 6.78
N ILE A 194 -28.35 5.10 5.80
CA ILE A 194 -27.38 6.17 6.00
C ILE A 194 -28.15 7.48 6.06
N VAL A 195 -28.07 8.18 7.19
CA VAL A 195 -28.82 9.40 7.40
C VAL A 195 -27.87 10.52 7.80
N PHE A 196 -28.33 11.75 7.57
CA PHE A 196 -27.59 12.94 7.96
C PHE A 196 -28.34 13.64 9.08
N LYS A 197 -27.64 13.93 10.18
CA LYS A 197 -28.25 14.49 11.37
C LYS A 197 -27.30 15.47 12.03
N ASP A 198 -27.86 16.33 12.88
CA ASP A 198 -27.06 17.31 13.61
C ASP A 198 -26.41 16.63 14.81
N VAL A 199 -25.29 15.96 14.55
CA VAL A 199 -24.48 15.32 15.58
C VAL A 199 -23.04 15.75 15.38
N PRO A 200 -22.21 15.69 16.43
CA PRO A 200 -20.82 16.19 16.28
C PRO A 200 -19.92 15.26 15.47
N LEU A 201 -20.10 13.95 15.59
CA LEU A 201 -19.19 12.98 14.98
C LEU A 201 -19.96 11.88 14.26
N PRO A 202 -19.35 11.25 13.26
CA PRO A 202 -19.97 10.08 12.65
C PRO A 202 -20.21 9.02 13.72
N ILE A 203 -21.40 8.42 13.68
CA ILE A 203 -21.80 7.50 14.74
C ILE A 203 -22.77 6.48 14.15
N GLU A 204 -22.69 5.25 14.65
CA GLU A 204 -23.61 4.20 14.25
C GLU A 204 -24.45 3.79 15.45
N THR A 205 -25.76 3.74 15.26
CA THR A 205 -26.68 3.22 16.26
C THR A 205 -27.16 1.85 15.81
N ASP A 206 -28.02 1.24 16.63
CA ASP A 206 -28.60 -0.04 16.22
C ASP A 206 -29.40 0.10 14.93
N ASP A 207 -29.97 1.27 14.68
CA ASP A 207 -30.88 1.46 13.56
C ASP A 207 -30.30 2.21 12.38
N GLU A 208 -29.28 3.04 12.58
CA GLU A 208 -28.83 3.96 11.53
C GLU A 208 -27.32 4.16 11.54
N LEU A 209 -26.77 4.40 10.35
CA LEU A 209 -25.45 4.99 10.19
C LEU A 209 -25.64 6.49 10.03
N ILE A 210 -25.08 7.27 10.95
CA ILE A 210 -25.35 8.70 11.01
C ILE A 210 -24.12 9.47 10.59
N ILE A 211 -24.24 10.21 9.49
CA ILE A 211 -23.21 11.13 9.04
C ILE A 211 -23.59 12.53 9.52
N PRO A 212 -22.67 13.28 10.13
CA PRO A 212 -23.00 14.64 10.58
C PRO A 212 -23.35 15.55 9.40
N ASN A 213 -24.26 16.49 9.67
CA ASN A 213 -24.56 17.53 8.70
C ASN A 213 -23.35 18.39 8.39
N THR A 214 -22.36 18.43 9.27
CA THR A 214 -21.11 19.16 9.03
C THR A 214 -20.19 18.44 8.04
N CYS A 215 -20.56 17.28 7.54
CA CYS A 215 -19.69 16.51 6.65
C CYS A 215 -19.77 17.12 5.25
N GLU A 216 -18.93 18.12 5.01
CA GLU A 216 -19.07 19.00 3.86
C GLU A 216 -18.44 18.44 2.58
N ASN A 217 -17.37 17.66 2.70
CA ASN A 217 -16.48 17.42 1.58
C ASN A 217 -16.21 15.93 1.38
N VAL A 218 -15.85 15.59 0.14
CA VAL A 218 -15.40 14.24 -0.19
C VAL A 218 -14.06 14.38 -0.91
N ILE A 219 -13.09 13.56 -0.51
CA ILE A 219 -11.78 13.48 -1.13
C ILE A 219 -11.75 12.19 -1.93
N VAL A 220 -11.46 12.29 -3.22
CA VAL A 220 -11.53 11.13 -4.11
C VAL A 220 -10.12 10.80 -4.59
N ALA A 221 -9.76 9.52 -4.50
CA ALA A 221 -8.45 9.07 -4.94
C ALA A 221 -8.58 8.15 -6.15
N GLY A 222 -7.62 8.29 -7.07
CA GLY A 222 -7.44 7.36 -8.16
C GLY A 222 -6.19 6.53 -7.92
N ILE A 223 -6.35 5.21 -8.06
CA ILE A 223 -5.31 4.21 -7.78
C ILE A 223 -5.03 3.48 -9.08
N ALA A 224 -3.90 3.77 -9.72
CA ALA A 224 -3.70 3.31 -11.10
C ALA A 224 -3.46 1.80 -11.16
N MET A 225 -4.12 1.13 -12.12
CA MET A 225 -3.85 -0.28 -12.37
C MET A 225 -2.72 -0.42 -13.38
N ASN A 226 -2.24 -1.65 -13.56
CA ASN A 226 -1.14 -1.91 -14.47
C ASN A 226 -1.66 -2.15 -15.89
N ARG A 227 -1.08 -1.44 -16.86
CA ARG A 227 -1.58 -1.49 -18.24
C ARG A 227 -1.34 -2.87 -18.85
N GLU A 228 -0.14 -3.43 -18.69
CA GLU A 228 0.17 -4.71 -19.32
C GLU A 228 -0.74 -5.80 -18.80
N MET A 229 -1.03 -5.77 -17.50
CA MET A 229 -1.86 -6.82 -16.90
C MET A 229 -3.32 -6.64 -17.26
N MET A 230 -3.83 -5.41 -17.27
CA MET A 230 -5.23 -5.21 -17.64
C MET A 230 -5.47 -5.59 -19.10
N GLN A 231 -4.45 -5.45 -19.96
N GLN A 231 -4.46 -5.43 -19.96
CA GLN A 231 -4.62 -5.80 -21.36
CA GLN A 231 -4.62 -5.80 -21.36
C GLN A 231 -4.77 -7.31 -21.57
C GLN A 231 -4.84 -7.30 -21.56
N THR A 232 -4.62 -8.12 -20.52
CA THR A 232 -4.93 -9.54 -20.61
C THR A 232 -6.39 -9.85 -20.30
N ALA A 233 -7.21 -8.84 -20.03
CA ALA A 233 -8.62 -9.08 -19.74
C ALA A 233 -9.23 -9.93 -20.86
N PRO A 234 -10.09 -10.88 -20.52
CA PRO A 234 -10.68 -11.18 -19.21
C PRO A 234 -9.89 -12.23 -18.41
N ASN A 235 -8.61 -12.40 -18.70
CA ASN A 235 -7.82 -13.48 -18.14
C ASN A 235 -7.22 -13.10 -16.79
N SER A 236 -6.44 -14.02 -16.21
CA SER A 236 -6.17 -13.93 -14.78
C SER A 236 -5.29 -12.74 -14.40
N MET A 237 -4.40 -12.27 -15.28
CA MET A 237 -3.53 -11.20 -14.82
C MET A 237 -4.27 -9.86 -14.71
N ALA A 238 -5.35 -9.69 -15.47
CA ALA A 238 -6.23 -8.53 -15.25
C ALA A 238 -6.91 -8.63 -13.90
N CYS A 239 -7.27 -9.84 -13.47
CA CYS A 239 -7.82 -10.03 -12.14
C CYS A 239 -6.80 -9.66 -11.06
N ALA A 240 -5.52 -9.91 -11.32
CA ALA A 240 -4.50 -9.65 -10.30
C ALA A 240 -4.25 -8.16 -10.11
N THR A 241 -4.17 -7.37 -11.20
CA THR A 241 -3.98 -5.94 -10.97
C THR A 241 -5.22 -5.32 -10.31
N THR A 242 -6.42 -5.77 -10.68
CA THR A 242 -7.63 -5.37 -9.97
C THR A 242 -7.51 -5.64 -8.47
N ALA A 243 -7.16 -6.87 -8.11
CA ALA A 243 -7.12 -7.28 -6.70
C ALA A 243 -6.12 -6.45 -5.89
N PHE A 244 -4.88 -6.32 -6.40
CA PHE A 244 -3.86 -5.58 -5.68
C PHE A 244 -4.30 -4.15 -5.44
N CYS A 245 -4.99 -3.55 -6.41
CA CYS A 245 -5.42 -2.18 -6.23
C CYS A 245 -6.52 -2.05 -5.19
N TYR A 246 -7.34 -3.10 -4.96
CA TYR A 246 -8.29 -3.00 -3.87
C TYR A 246 -7.60 -2.93 -2.51
N SER A 247 -6.50 -3.67 -2.34
CA SER A 247 -5.78 -3.55 -1.08
C SER A 247 -5.08 -2.20 -0.99
N ARG A 248 -4.61 -1.65 -2.12
CA ARG A 248 -4.07 -0.29 -2.10
C ARG A 248 -5.13 0.72 -1.69
N MET A 249 -6.38 0.53 -2.16
CA MET A 249 -7.48 1.40 -1.77
C MET A 249 -7.68 1.39 -0.26
N CYS A 250 -7.69 0.19 0.32
CA CYS A 250 -7.90 0.07 1.74
C CYS A 250 -6.82 0.80 2.53
N MET A 251 -5.56 0.60 2.17
N MET A 251 -5.56 0.56 2.17
CA MET A 251 -4.50 1.28 2.90
CA MET A 251 -4.46 1.27 2.83
C MET A 251 -4.59 2.79 2.71
C MET A 251 -4.63 2.77 2.70
N PHE A 252 -4.97 3.24 1.51
CA PHE A 252 -5.19 4.67 1.30
C PHE A 252 -6.22 5.22 2.28
N ASP A 253 -7.41 4.60 2.33
CA ASP A 253 -8.47 5.09 3.20
C ASP A 253 -8.01 5.18 4.65
N MET A 254 -7.37 4.12 5.14
CA MET A 254 -6.99 4.10 6.56
C MET A 254 -5.91 5.13 6.85
N TRP A 255 -4.87 5.19 6.01
CA TRP A 255 -3.85 6.20 6.17
C TRP A 255 -4.43 7.62 6.18
N LEU A 256 -5.26 7.93 5.18
CA LEU A 256 -5.76 9.29 5.05
C LEU A 256 -6.72 9.64 6.18
N CYS A 257 -7.61 8.70 6.55
CA CYS A 257 -8.52 8.97 7.66
C CYS A 257 -7.72 9.27 8.92
N GLN A 258 -6.65 8.51 9.17
CA GLN A 258 -5.85 8.76 10.35
C GLN A 258 -5.19 10.13 10.29
N PHE A 259 -4.64 10.51 9.12
CA PHE A 259 -4.08 11.87 8.99
C PHE A 259 -5.12 12.92 9.32
N ILE A 260 -6.32 12.81 8.74
CA ILE A 260 -7.35 13.82 8.95
C ILE A 260 -7.75 13.87 10.41
N ARG A 261 -7.88 12.71 11.05
CA ARG A 261 -8.24 12.68 12.47
C ARG A 261 -7.16 13.34 13.32
N TYR A 262 -5.90 13.06 13.01
CA TYR A 262 -4.78 13.62 13.75
C TYR A 262 -4.58 15.10 13.46
N MET A 263 -5.27 15.63 12.44
CA MET A 263 -5.35 17.06 12.20
C MET A 263 -6.49 17.73 12.96
N GLY A 264 -7.31 16.96 13.65
CA GLY A 264 -8.39 17.50 14.47
C GLY A 264 -9.76 17.48 13.83
N TYR A 265 -9.95 16.72 12.76
CA TYR A 265 -11.24 16.60 12.10
C TYR A 265 -11.66 15.13 12.14
N TYR A 266 -12.85 14.84 11.62
CA TYR A 266 -13.25 13.44 11.49
C TYR A 266 -13.18 13.02 10.03
N ALA A 267 -13.22 11.71 9.81
CA ALA A 267 -13.03 11.16 8.49
C ALA A 267 -13.73 9.81 8.40
N ILE A 268 -14.45 9.61 7.32
CA ILE A 268 -15.19 8.37 7.07
C ILE A 268 -14.56 7.68 5.86
N PRO A 269 -14.01 6.48 6.01
CA PRO A 269 -13.48 5.74 4.86
C PRO A 269 -14.63 5.08 4.10
N SER A 270 -14.31 4.52 2.92
CA SER A 270 -15.40 3.83 2.24
C SER A 270 -15.01 2.72 1.26
N CYS A 271 -13.88 2.83 0.55
CA CYS A 271 -13.61 1.91 -0.56
C CYS A 271 -14.85 1.77 -1.45
N ASN A 272 -15.40 0.57 -1.64
CA ASN A 272 -16.55 0.42 -2.55
C ASN A 272 -17.89 0.69 -1.87
N GLY A 273 -17.92 1.02 -0.58
CA GLY A 273 -19.16 1.28 0.13
C GLY A 273 -19.55 2.76 0.14
N VAL A 274 -20.62 3.04 0.90
CA VAL A 274 -21.11 4.35 1.31
C VAL A 274 -21.75 5.13 0.16
N GLY A 275 -21.08 5.22 -0.98
CA GLY A 275 -21.66 5.95 -2.10
C GLY A 275 -21.00 5.62 -3.42
N GLN A 276 -21.49 6.27 -4.48
CA GLN A 276 -21.13 5.93 -5.86
C GLN A 276 -19.85 6.66 -6.28
N SER A 277 -18.75 5.90 -6.36
CA SER A 277 -17.42 6.48 -6.57
C SER A 277 -17.30 7.24 -7.88
N VAL A 278 -17.91 6.74 -8.95
CA VAL A 278 -17.76 7.40 -10.25
C VAL A 278 -18.32 8.81 -10.20
N ALA A 279 -19.49 8.97 -9.57
CA ALA A 279 -20.12 10.30 -9.50
C ALA A 279 -19.25 11.26 -8.68
N PHE A 280 -18.72 10.78 -7.55
CA PHE A 280 -17.83 11.64 -6.76
C PHE A 280 -16.60 12.01 -7.57
N ALA A 281 -16.03 11.06 -8.30
CA ALA A 281 -14.81 11.32 -9.08
C ALA A 281 -15.05 12.36 -10.17
N VAL A 282 -16.21 12.28 -10.84
CA VAL A 282 -16.55 13.28 -11.83
C VAL A 282 -16.70 14.66 -11.17
N GLU A 283 -17.34 14.70 -10.00
CA GLU A 283 -17.56 16.00 -9.38
C GLU A 283 -16.27 16.59 -8.81
N ALA A 284 -15.32 15.74 -8.45
CA ALA A 284 -14.01 16.17 -7.97
C ALA A 284 -13.02 16.42 -9.08
N GLY A 285 -13.42 16.24 -10.34
CA GLY A 285 -12.57 16.57 -11.47
C GLY A 285 -11.50 15.55 -11.82
N LEU A 286 -11.58 14.31 -11.31
CA LEU A 286 -10.59 13.33 -11.73
C LEU A 286 -10.74 12.99 -13.20
N GLY A 287 -11.96 13.04 -13.72
CA GLY A 287 -12.18 12.66 -15.10
C GLY A 287 -13.63 12.85 -15.48
N GLN A 288 -14.02 12.22 -16.59
CA GLN A 288 -15.38 12.30 -17.10
C GLN A 288 -16.01 10.92 -17.16
N ALA A 289 -17.33 10.88 -16.98
CA ALA A 289 -18.03 9.61 -17.17
C ALA A 289 -18.06 9.24 -18.64
N SER A 290 -18.29 7.95 -18.89
CA SER A 290 -18.06 7.36 -20.20
C SER A 290 -19.18 6.39 -20.54
N ARG A 291 -19.14 5.89 -21.78
CA ARG A 291 -20.15 4.94 -22.23
C ARG A 291 -20.15 3.69 -21.36
N MET A 292 -18.97 3.15 -21.02
CA MET A 292 -18.94 1.94 -20.21
C MET A 292 -19.42 2.20 -18.78
N GLY A 293 -19.50 3.46 -18.36
CA GLY A 293 -19.96 3.80 -17.04
C GLY A 293 -18.87 4.19 -16.06
N ALA A 294 -17.61 4.10 -16.46
CA ALA A 294 -16.49 4.39 -15.59
C ALA A 294 -16.05 5.84 -15.75
N CYS A 295 -15.27 6.31 -14.78
CA CYS A 295 -14.60 7.60 -14.86
C CYS A 295 -13.35 7.45 -15.70
N ILE A 296 -13.29 8.16 -16.82
CA ILE A 296 -12.12 8.16 -17.69
C ILE A 296 -11.26 9.37 -17.32
N THR A 297 -9.98 9.10 -16.99
CA THR A 297 -9.04 10.13 -16.58
C THR A 297 -8.06 10.43 -17.71
N PRO A 298 -7.53 11.65 -17.78
CA PRO A 298 -6.51 11.93 -18.79
C PRO A 298 -5.26 11.05 -18.69
N GLU A 299 -4.85 10.69 -17.47
CA GLU A 299 -3.58 9.98 -17.26
C GLU A 299 -3.68 8.49 -17.52
N PHE A 300 -4.81 7.89 -17.15
CA PHE A 300 -4.95 6.44 -17.12
C PHE A 300 -6.14 5.94 -17.91
N GLY A 301 -6.92 6.82 -18.54
CA GLY A 301 -8.20 6.40 -19.06
C GLY A 301 -9.04 5.85 -17.91
N PRO A 302 -9.84 4.82 -18.19
CA PRO A 302 -10.61 4.17 -17.12
C PRO A 302 -9.81 3.13 -16.34
N ASN A 303 -8.53 2.95 -16.65
CA ASN A 303 -7.73 1.89 -16.03
C ASN A 303 -7.15 2.35 -14.69
N VAL A 304 -8.08 2.71 -13.81
CA VAL A 304 -7.75 3.31 -12.52
C VAL A 304 -8.89 2.96 -11.56
N ARG A 305 -8.54 2.59 -10.33
CA ARG A 305 -9.56 2.34 -9.32
C ARG A 305 -9.81 3.61 -8.53
N LEU A 306 -10.98 3.68 -7.90
CA LEU A 306 -11.40 4.85 -7.13
C LEU A 306 -11.69 4.46 -5.69
N THR A 307 -11.34 5.34 -4.76
CA THR A 307 -11.88 5.26 -3.40
C THR A 307 -12.11 6.68 -2.93
N LYS A 308 -12.71 6.83 -1.74
CA LYS A 308 -13.04 8.20 -1.30
C LYS A 308 -13.20 8.23 0.21
N VAL A 309 -12.94 9.41 0.77
CA VAL A 309 -13.03 9.66 2.20
C VAL A 309 -13.88 10.90 2.40
N PHE A 310 -14.80 10.85 3.37
CA PHE A 310 -15.72 11.95 3.65
C PHE A 310 -15.27 12.68 4.92
N THR A 311 -15.35 14.02 4.91
CA THR A 311 -14.78 14.74 6.05
C THR A 311 -15.41 16.12 6.23
N ASN A 312 -15.32 16.64 7.45
CA ASN A 312 -15.64 18.03 7.73
C ASN A 312 -14.44 18.97 7.62
N MET A 313 -13.24 18.45 7.36
CA MET A 313 -12.07 19.29 7.15
C MET A 313 -12.38 20.34 6.08
N PRO A 314 -12.23 21.63 6.38
CA PRO A 314 -12.42 22.65 5.33
C PRO A 314 -11.44 22.42 4.20
N LEU A 315 -11.95 22.49 2.96
CA LEU A 315 -11.14 22.22 1.77
C LEU A 315 -11.60 23.11 0.63
N VAL A 316 -10.75 23.22 -0.39
CA VAL A 316 -11.08 23.94 -1.62
C VAL A 316 -11.50 22.91 -2.67
N PRO A 317 -12.76 22.91 -3.12
CA PRO A 317 -13.15 21.95 -4.16
C PRO A 317 -12.39 22.21 -5.46
N ASP A 318 -12.10 21.11 -6.14
CA ASP A 318 -11.47 21.20 -7.46
C ASP A 318 -12.52 21.46 -8.52
N LYS A 319 -12.05 21.93 -9.70
CA LYS A 319 -13.00 22.14 -10.79
C LYS A 319 -13.22 20.84 -11.56
N PRO A 320 -14.43 20.60 -12.06
CA PRO A 320 -14.64 19.49 -12.99
C PRO A 320 -13.81 19.68 -14.26
N ILE A 321 -13.65 18.60 -15.02
CA ILE A 321 -12.87 18.62 -16.26
C ILE A 321 -13.74 18.15 -17.41
N ASP A 322 -13.55 18.78 -18.58
CA ASP A 322 -14.22 18.35 -19.80
C ASP A 322 -13.14 18.28 -20.88
N PHE A 323 -12.62 17.09 -21.18
CA PHE A 323 -11.64 16.94 -22.24
C PHE A 323 -12.22 16.18 -23.44
N GLY A 324 -13.54 16.23 -23.58
CA GLY A 324 -14.19 15.71 -24.77
C GLY A 324 -14.60 14.25 -24.71
N VAL A 325 -14.61 13.63 -23.52
CA VAL A 325 -14.93 12.21 -23.47
C VAL A 325 -16.34 11.95 -23.98
N THR A 326 -17.30 12.78 -23.59
CA THR A 326 -18.68 12.53 -23.98
C THR A 326 -18.81 12.45 -25.49
N GLU A 327 -18.15 13.37 -26.20
CA GLU A 327 -18.27 13.38 -27.65
C GLU A 327 -17.53 12.20 -28.29
N PHE A 328 -16.41 11.75 -27.68
CA PHE A 328 -15.74 10.56 -28.21
C PHE A 328 -16.57 9.31 -27.98
N CYS A 329 -17.14 9.17 -26.77
CA CYS A 329 -17.98 8.00 -26.50
C CYS A 329 -19.20 7.97 -27.39
N GLU A 330 -19.70 9.14 -27.81
CA GLU A 330 -20.88 9.17 -28.67
C GLU A 330 -20.61 8.46 -29.99
N THR A 331 -19.38 8.52 -30.49
CA THR A 331 -19.06 7.93 -31.79
C THR A 331 -18.21 6.67 -31.70
N CYS A 332 -17.65 6.34 -30.54
CA CYS A 332 -16.66 5.26 -30.47
C CYS A 332 -17.30 3.87 -30.41
N LYS A 333 -17.94 3.55 -29.29
CA LYS A 333 -18.66 2.30 -29.05
C LYS A 333 -17.77 1.05 -29.04
N LYS A 334 -16.44 1.18 -28.89
CA LYS A 334 -15.62 -0.03 -28.96
C LYS A 334 -15.87 -0.95 -27.78
N CYS A 335 -16.05 -0.37 -26.58
CA CYS A 335 -16.35 -1.20 -25.42
C CYS A 335 -17.67 -1.96 -25.61
N ALA A 336 -18.69 -1.31 -26.18
CA ALA A 336 -19.98 -1.98 -26.44
C ALA A 336 -19.81 -3.12 -27.43
N ARG A 337 -18.97 -2.94 -28.45
CA ARG A 337 -18.82 -4.00 -29.45
C ARG A 337 -18.01 -5.17 -28.92
N GLU A 338 -17.04 -4.90 -28.03
CA GLU A 338 -16.16 -5.94 -27.52
C GLU A 338 -16.68 -6.62 -26.26
N CYS A 339 -17.63 -6.02 -25.56
CA CYS A 339 -18.15 -6.57 -24.32
C CYS A 339 -18.64 -8.01 -24.53
N PRO A 340 -18.08 -9.01 -23.84
CA PRO A 340 -18.50 -10.39 -24.07
C PRO A 340 -19.93 -10.69 -23.66
N SER A 341 -20.59 -9.79 -22.91
CA SER A 341 -21.95 -10.04 -22.45
C SER A 341 -22.98 -9.11 -23.07
N LYS A 342 -22.55 -8.20 -23.97
CA LYS A 342 -23.42 -7.19 -24.54
C LYS A 342 -24.12 -6.36 -23.47
N ALA A 343 -23.41 -6.10 -22.37
CA ALA A 343 -23.97 -5.33 -21.26
C ALA A 343 -23.99 -3.83 -21.53
N ILE A 344 -23.09 -3.33 -22.38
CA ILE A 344 -22.92 -1.88 -22.59
C ILE A 344 -23.77 -1.43 -23.77
N THR A 345 -24.57 -0.40 -23.54
CA THR A 345 -25.45 0.10 -24.60
C THR A 345 -24.67 0.76 -25.72
N GLU A 346 -25.21 0.64 -26.94
CA GLU A 346 -24.75 1.39 -28.10
C GLU A 346 -25.64 2.60 -28.36
N GLY A 347 -26.65 2.83 -27.53
CA GLY A 347 -27.58 3.92 -27.73
C GLY A 347 -27.17 5.19 -27.01
N PRO A 348 -28.05 6.19 -27.01
CA PRO A 348 -27.74 7.48 -26.37
C PRO A 348 -27.94 7.43 -24.86
N ARG A 349 -27.45 8.47 -24.20
CA ARG A 349 -27.71 8.66 -22.78
C ARG A 349 -29.19 8.96 -22.55
N THR A 350 -29.72 8.46 -21.44
CA THR A 350 -31.08 8.77 -21.01
C THR A 350 -31.10 8.97 -19.51
N PHE A 351 -32.25 9.42 -19.00
CA PHE A 351 -32.50 9.53 -17.57
C PHE A 351 -33.16 8.29 -17.00
N GLU A 352 -33.42 7.26 -17.81
CA GLU A 352 -34.25 6.14 -17.39
C GLU A 352 -33.37 4.90 -17.20
N GLY A 353 -33.34 4.39 -15.97
CA GLY A 353 -32.54 3.21 -15.69
C GLY A 353 -32.96 2.03 -16.56
N ARG A 354 -31.97 1.23 -16.94
CA ARG A 354 -32.24 0.01 -17.70
C ARG A 354 -32.87 -1.07 -16.83
N SER A 355 -32.47 -1.14 -15.57
CA SER A 355 -33.02 -2.13 -14.64
C SER A 355 -32.82 -1.60 -13.24
N ILE A 356 -33.17 -2.43 -12.26
CA ILE A 356 -33.06 -2.07 -10.86
C ILE A 356 -31.63 -1.66 -10.49
N HIS A 357 -30.62 -2.15 -11.23
CA HIS A 357 -29.23 -1.88 -10.84
C HIS A 357 -28.81 -0.44 -11.14
N ASN A 358 -29.53 0.26 -12.00
CA ASN A 358 -29.20 1.63 -12.37
C ASN A 358 -30.00 2.61 -11.52
N GLN A 359 -29.38 3.73 -11.16
CA GLN A 359 -30.08 4.83 -10.50
C GLN A 359 -30.67 5.74 -11.57
N SER A 360 -32.00 5.78 -11.66
CA SER A 360 -32.69 6.66 -12.59
C SER A 360 -32.64 8.12 -12.14
N GLY A 361 -32.86 9.03 -13.08
CA GLY A 361 -32.88 10.44 -12.77
C GLY A 361 -31.59 11.20 -13.01
N LYS A 362 -30.58 10.56 -13.59
CA LYS A 362 -29.36 11.24 -13.97
C LYS A 362 -29.01 10.84 -15.40
N LEU A 363 -28.51 11.80 -16.19
CA LEU A 363 -28.27 11.56 -17.62
C LEU A 363 -26.97 10.77 -17.77
N GLN A 364 -27.07 9.52 -18.21
CA GLN A 364 -25.90 8.66 -18.31
C GLN A 364 -26.17 7.59 -19.34
N TRP A 365 -25.11 6.93 -19.80
CA TRP A 365 -25.31 5.72 -20.60
C TRP A 365 -25.78 4.59 -19.67
N GLN A 366 -26.90 3.95 -20.04
CA GLN A 366 -27.56 2.98 -19.18
C GLN A 366 -27.15 1.58 -19.60
N ASN A 367 -26.41 0.89 -18.73
CA ASN A 367 -25.87 -0.42 -19.04
C ASN A 367 -26.57 -1.49 -18.22
N ASP A 368 -26.62 -2.71 -18.76
CA ASP A 368 -27.26 -3.84 -18.09
C ASP A 368 -26.23 -4.58 -17.26
N TYR A 369 -26.20 -4.30 -15.97
CA TYR A 369 -25.11 -4.79 -15.14
C TYR A 369 -25.35 -6.20 -14.63
N ASN A 370 -26.57 -6.74 -14.77
CA ASN A 370 -26.76 -8.17 -14.55
C ASN A 370 -26.07 -8.98 -15.66
N LYS A 371 -26.12 -8.49 -16.89
CA LYS A 371 -25.42 -9.18 -17.96
C LYS A 371 -23.92 -9.18 -17.74
N CYS A 372 -23.36 -8.05 -17.31
CA CYS A 372 -21.94 -7.98 -16.99
C CYS A 372 -21.57 -9.03 -15.94
N LEU A 373 -22.24 -9.00 -14.79
CA LEU A 373 -21.90 -9.93 -13.71
C LEU A 373 -22.02 -11.38 -14.16
N GLY A 374 -22.98 -11.66 -15.04
CA GLY A 374 -23.14 -13.03 -15.53
C GLY A 374 -21.94 -13.57 -16.29
N TYR A 375 -21.14 -12.70 -16.90
CA TYR A 375 -19.93 -13.16 -17.57
C TYR A 375 -18.81 -13.49 -16.58
N TRP A 376 -18.89 -13.04 -15.32
CA TRP A 376 -17.76 -13.27 -14.43
C TRP A 376 -17.61 -14.74 -14.04
N PRO A 377 -18.68 -15.47 -13.67
CA PRO A 377 -18.51 -16.91 -13.48
C PRO A 377 -18.11 -17.64 -14.74
N GLU A 378 -18.60 -17.18 -15.89
CA GLU A 378 -18.28 -17.83 -17.15
C GLU A 378 -16.80 -17.73 -17.47
N SER A 379 -16.19 -16.58 -17.17
CA SER A 379 -14.79 -16.35 -17.45
C SER A 379 -13.89 -16.64 -16.26
N GLY A 380 -14.45 -16.83 -15.07
CA GLY A 380 -13.62 -17.08 -13.91
C GLY A 380 -12.84 -15.89 -13.40
N GLY A 381 -13.32 -14.68 -13.64
CA GLY A 381 -12.60 -13.49 -13.19
C GLY A 381 -13.51 -12.29 -13.03
N TYR A 382 -12.94 -11.11 -13.25
CA TYR A 382 -13.68 -9.85 -13.13
C TYR A 382 -13.71 -9.13 -14.47
N CYS A 383 -13.53 -9.89 -15.57
CA CYS A 383 -13.53 -9.39 -16.94
C CYS A 383 -12.63 -8.17 -17.09
N GLY A 384 -13.20 -6.98 -17.34
CA GLY A 384 -12.40 -5.81 -17.61
C GLY A 384 -12.09 -5.56 -19.07
N VAL A 385 -12.72 -6.30 -19.99
CA VAL A 385 -12.44 -6.13 -21.41
C VAL A 385 -12.73 -4.70 -21.85
N CYS A 386 -13.80 -4.10 -21.32
CA CYS A 386 -14.14 -2.71 -21.67
C CYS A 386 -13.00 -1.75 -21.33
N VAL A 387 -12.42 -1.88 -20.11
CA VAL A 387 -11.28 -1.06 -19.71
C VAL A 387 -10.10 -1.31 -20.64
N ALA A 388 -9.85 -2.59 -20.95
CA ALA A 388 -8.70 -2.98 -21.74
C ALA A 388 -8.77 -2.41 -23.16
N VAL A 389 -9.96 -2.42 -23.78
CA VAL A 389 -10.06 -1.99 -25.18
C VAL A 389 -10.29 -0.50 -25.34
N CYS A 390 -10.62 0.22 -24.26
CA CYS A 390 -10.90 1.65 -24.39
C CYS A 390 -9.66 2.38 -24.90
N PRO A 391 -9.76 3.18 -25.98
CA PRO A 391 -8.57 3.90 -26.45
C PRO A 391 -7.91 4.76 -25.37
N PHE A 392 -8.68 5.30 -24.41
CA PHE A 392 -8.09 6.13 -23.38
C PHE A 392 -7.19 5.34 -22.44
N THR A 393 -7.29 4.00 -22.44
CA THR A 393 -6.40 3.20 -21.63
C THR A 393 -5.00 3.12 -22.25
N LYS A 394 -4.86 3.40 -23.54
CA LYS A 394 -3.54 3.48 -24.15
C LYS A 394 -2.71 4.60 -23.53
N GLY A 395 -1.41 4.36 -23.40
CA GLY A 395 -0.57 5.40 -22.82
C GLY A 395 -0.29 6.58 -23.71
N ASN A 396 -0.73 6.52 -24.97
CA ASN A 396 -0.20 7.37 -26.03
C ASN A 396 -1.25 8.31 -26.66
N ILE A 397 -2.22 8.79 -25.90
CA ILE A 397 -3.35 9.42 -26.58
C ILE A 397 -3.15 10.92 -26.82
N TRP A 398 -2.27 11.56 -26.05
CA TRP A 398 -2.18 13.02 -26.04
C TRP A 398 -1.12 13.51 -27.00
N ILE A 399 -1.48 14.51 -27.80
CA ILE A 399 -0.53 15.18 -28.65
C ILE A 399 -0.70 16.69 -28.48
N HIS A 400 0.36 17.42 -28.75
CA HIS A 400 0.36 18.87 -28.68
C HIS A 400 0.58 19.40 -30.08
N ASP A 401 -0.24 20.37 -30.50
CA ASP A 401 -0.18 20.83 -31.87
C ASP A 401 0.60 22.13 -32.02
N GLY A 402 1.38 22.51 -31.02
CA GLY A 402 2.07 23.79 -31.01
C GLY A 402 1.33 24.89 -30.28
N VAL A 403 0.01 24.76 -30.14
CA VAL A 403 -0.80 25.71 -29.41
C VAL A 403 -1.41 25.07 -28.16
N GLU A 404 -1.93 23.85 -28.28
CA GLU A 404 -2.68 23.26 -27.17
C GLU A 404 -2.67 21.74 -27.30
N TRP A 405 -3.17 21.08 -26.27
CA TRP A 405 -3.25 19.62 -26.23
C TRP A 405 -4.52 19.13 -26.89
N LEU A 406 -4.44 17.93 -27.47
CA LEU A 406 -5.59 17.31 -28.10
C LEU A 406 -5.46 15.80 -28.07
N ILE A 407 -6.58 15.13 -28.31
CA ILE A 407 -6.66 13.68 -28.38
C ILE A 407 -6.39 13.24 -29.82
N ASP A 408 -5.52 12.24 -29.98
CA ASP A 408 -5.20 11.68 -31.29
C ASP A 408 -6.35 10.81 -31.79
N ASN A 409 -7.09 11.29 -32.79
CA ASN A 409 -8.23 10.54 -33.31
C ASN A 409 -7.83 9.19 -33.92
N THR A 410 -6.56 9.01 -34.27
CA THR A 410 -6.17 7.74 -34.90
C THR A 410 -6.37 6.56 -33.96
N ARG A 411 -6.27 6.81 -32.65
CA ARG A 411 -6.45 5.75 -31.66
C ARG A 411 -7.89 5.23 -31.60
N PHE A 412 -8.82 5.88 -32.28
CA PHE A 412 -10.22 5.50 -32.23
C PHE A 412 -10.69 4.80 -33.50
N LEU A 413 -9.82 4.65 -34.49
CA LEU A 413 -10.17 4.03 -35.76
C LEU A 413 -10.51 2.56 -35.56
N ASN A 431 0.88 -12.24 -24.75
CA ASN A 431 0.23 -13.24 -23.90
C ASN A 431 0.69 -13.12 -22.46
N ILE A 432 0.13 -13.98 -21.60
CA ILE A 432 0.39 -13.86 -20.16
C ILE A 432 1.82 -14.28 -19.81
N THR A 433 2.39 -15.24 -20.53
CA THR A 433 3.80 -15.57 -20.31
C THR A 433 4.67 -14.34 -20.51
N GLU A 434 4.40 -13.56 -21.56
CA GLU A 434 5.21 -12.38 -21.83
C GLU A 434 5.01 -11.31 -20.75
N VAL A 435 3.83 -11.26 -20.14
CA VAL A 435 3.62 -10.36 -19.00
C VAL A 435 4.47 -10.80 -17.82
N TRP A 436 4.41 -12.08 -17.45
CA TRP A 436 5.23 -12.57 -16.34
C TRP A 436 6.71 -12.36 -16.62
N ASP A 437 7.12 -12.44 -17.87
CA ASP A 437 8.53 -12.28 -18.21
C ASP A 437 8.90 -10.84 -18.55
N GLY A 438 7.94 -9.92 -18.52
CA GLY A 438 8.13 -8.60 -19.08
C GLY A 438 8.32 -7.52 -18.02
N LYS A 439 8.02 -6.28 -18.44
CA LYS A 439 8.28 -5.10 -17.62
C LYS A 439 7.38 -5.04 -16.39
N ILE A 440 7.97 -4.68 -15.26
CA ILE A 440 7.21 -4.42 -14.04
C ILE A 440 8.04 -3.44 -13.21
N ASN A 441 7.38 -2.77 -12.29
CA ASN A 441 8.03 -1.83 -11.39
C ASN A 441 7.16 -1.76 -10.14
N THR A 442 7.57 -0.93 -9.18
CA THR A 442 6.95 -0.95 -7.86
C THR A 442 5.45 -0.64 -7.97
N TYR A 443 4.64 -1.49 -7.33
CA TYR A 443 3.17 -1.40 -7.32
C TYR A 443 2.59 -1.52 -8.71
N GLY A 444 3.36 -2.02 -9.68
CA GLY A 444 2.87 -2.09 -11.04
C GLY A 444 2.84 -0.76 -11.75
N LEU A 445 3.38 0.29 -11.14
CA LEU A 445 3.45 1.57 -11.82
C LEU A 445 4.49 1.51 -12.94
N ASP A 446 4.35 2.42 -13.91
CA ASP A 446 5.15 2.44 -15.13
C ASP A 446 6.01 3.71 -15.14
N ALA A 447 7.33 3.53 -15.08
CA ALA A 447 8.22 4.69 -15.05
C ALA A 447 8.19 5.49 -16.34
N ASP A 448 7.71 4.90 -17.45
CA ASP A 448 7.59 5.67 -18.68
C ASP A 448 6.52 6.76 -18.58
N HIS A 449 5.60 6.64 -17.62
CA HIS A 449 4.51 7.60 -17.48
C HIS A 449 4.39 8.19 -16.08
N PHE A 450 5.20 7.70 -15.11
CA PHE A 450 5.06 8.12 -13.72
C PHE A 450 5.26 9.63 -13.56
N ARG A 451 6.04 10.28 -14.45
CA ARG A 451 6.17 11.73 -14.31
C ARG A 451 4.83 12.45 -14.49
N ASP A 452 3.85 11.80 -15.11
CA ASP A 452 2.55 12.43 -15.31
C ASP A 452 1.85 12.76 -13.99
N THR A 453 2.17 12.04 -12.91
CA THR A 453 1.47 12.30 -11.65
C THR A 453 2.36 13.04 -10.65
N VAL A 454 3.45 13.64 -11.11
CA VAL A 454 4.21 14.51 -10.20
C VAL A 454 3.32 15.68 -9.76
N SER A 455 3.54 16.13 -8.52
CA SER A 455 2.71 17.17 -7.93
C SER A 455 3.55 18.20 -7.18
N PHE A 456 3.26 19.47 -7.43
CA PHE A 456 3.75 20.61 -6.66
C PHE A 456 2.55 21.35 -6.08
N ARG A 457 2.82 22.30 -5.17
CA ARG A 457 1.71 23.02 -4.54
C ARG A 457 0.77 23.64 -5.57
N LYS A 458 1.30 24.17 -6.67
CA LYS A 458 0.39 24.79 -7.62
C LYS A 458 -0.56 23.77 -8.27
N ASP A 459 -0.18 22.49 -8.28
CA ASP A 459 -1.08 21.40 -8.71
C ASP A 459 -2.14 21.09 -7.67
N ARG A 460 -1.84 21.33 -6.40
CA ARG A 460 -2.71 20.86 -5.33
C ARG A 460 -3.76 21.88 -4.93
N VAL A 461 -3.44 23.17 -4.98
CA VAL A 461 -4.39 24.17 -4.56
C VAL A 461 -4.04 25.48 -5.27
N LYS A 462 -5.06 26.24 -5.63
CA LYS A 462 -4.84 27.41 -6.48
C LYS A 462 -4.85 28.70 -5.66
N ASN B 6 21.64 3.34 -15.65
CA ASN B 6 21.20 1.97 -15.84
C ASN B 6 21.56 1.11 -14.62
N ALA B 7 20.56 0.82 -13.78
CA ALA B 7 20.83 0.07 -12.55
C ALA B 7 21.13 -1.40 -12.84
N ALA B 8 20.48 -1.98 -13.85
CA ALA B 8 20.73 -3.37 -14.18
C ALA B 8 22.17 -3.55 -14.66
N GLU B 9 22.68 -2.59 -15.44
CA GLU B 9 24.09 -2.57 -15.81
C GLU B 9 24.99 -2.58 -14.58
N ILE B 10 24.77 -1.61 -13.69
CA ILE B 10 25.65 -1.43 -12.53
C ILE B 10 25.64 -2.68 -11.66
N ARG B 11 24.46 -3.23 -11.39
CA ARG B 11 24.37 -4.36 -10.48
C ARG B 11 25.09 -5.59 -11.02
N GLN B 12 24.97 -5.85 -12.32
CA GLN B 12 25.70 -6.97 -12.89
C GLN B 12 27.20 -6.68 -12.96
N GLN B 13 27.56 -5.42 -13.18
CA GLN B 13 28.98 -5.06 -13.20
C GLN B 13 29.64 -5.32 -11.86
N PHE B 14 28.91 -5.17 -10.76
CA PHE B 14 29.51 -5.27 -9.43
C PHE B 14 29.13 -6.56 -8.70
N ALA B 15 28.55 -7.53 -9.41
CA ALA B 15 28.23 -8.80 -8.79
C ALA B 15 29.51 -9.50 -8.32
N MET B 16 29.47 -10.00 -7.08
CA MET B 16 30.55 -10.82 -6.55
C MET B 16 30.33 -12.28 -6.92
N THR B 17 31.36 -13.09 -6.75
CA THR B 17 31.19 -14.53 -6.77
C THR B 17 30.35 -14.96 -5.57
N ALA B 18 29.79 -16.17 -5.67
CA ALA B 18 28.91 -16.66 -4.61
C ALA B 18 29.65 -16.76 -3.28
N GLY B 19 28.90 -16.63 -2.19
CA GLY B 19 29.43 -16.77 -0.84
C GLY B 19 29.13 -15.53 0.00
N SER B 20 28.68 -15.77 1.22
CA SER B 20 28.36 -14.67 2.12
C SER B 20 29.59 -13.77 2.29
N PRO B 21 29.47 -12.46 2.08
CA PRO B 21 30.62 -11.57 2.25
C PRO B 21 30.87 -11.12 3.69
N ILE B 22 30.05 -11.57 4.64
CA ILE B 22 30.22 -11.19 6.04
C ILE B 22 31.32 -12.05 6.66
N ILE B 23 32.36 -11.40 7.19
CA ILE B 23 33.48 -12.09 7.81
C ILE B 23 33.14 -12.36 9.27
N VAL B 24 33.21 -13.62 9.68
CA VAL B 24 32.90 -14.02 11.04
C VAL B 24 34.13 -14.70 11.64
N ASN B 25 34.11 -14.86 12.95
CA ASN B 25 35.08 -15.69 13.66
C ASN B 25 34.35 -16.78 14.44
N ASP B 26 35.11 -17.57 15.19
CA ASP B 26 34.53 -18.71 15.89
C ASP B 26 33.79 -18.32 17.16
N LYS B 27 33.73 -17.04 17.51
CA LYS B 27 33.01 -16.57 18.69
C LYS B 27 31.57 -16.17 18.40
N LEU B 28 31.18 -16.11 17.13
CA LEU B 28 29.85 -15.62 16.77
C LEU B 28 28.76 -16.51 17.33
N GLU B 29 27.78 -15.89 18.00
CA GLU B 29 26.61 -16.59 18.50
C GLU B 29 25.36 -15.84 18.06
N ARG B 30 24.27 -16.59 17.88
CA ARG B 30 23.00 -15.94 17.58
C ARG B 30 22.62 -14.99 18.71
N TYR B 31 21.93 -13.92 18.33
CA TYR B 31 21.74 -12.74 19.17
C TYR B 31 20.31 -12.69 19.66
N ALA B 32 20.12 -12.47 20.96
CA ALA B 32 18.79 -12.40 21.54
C ALA B 32 18.17 -11.03 21.27
N GLU B 33 16.97 -11.02 20.69
CA GLU B 33 16.34 -9.77 20.25
C GLU B 33 16.17 -8.78 21.40
N VAL B 34 16.00 -9.26 22.64
CA VAL B 34 15.83 -8.36 23.78
C VAL B 34 17.02 -7.43 23.94
N ARG B 35 18.19 -7.78 23.39
CA ARG B 35 19.37 -6.95 23.53
C ARG B 35 19.32 -5.65 22.74
N THR B 36 18.38 -5.47 21.80
CA THR B 36 18.37 -4.21 21.06
C THR B 36 18.07 -3.05 22.00
N ALA B 37 18.49 -1.85 21.60
CA ALA B 37 18.32 -0.70 22.49
C ALA B 37 16.85 -0.40 22.74
N PHE B 38 15.98 -0.70 21.77
CA PHE B 38 14.54 -0.47 21.93
C PHE B 38 13.95 -1.28 23.09
N THR B 39 14.51 -2.44 23.38
CA THR B 39 13.89 -3.39 24.29
C THR B 39 14.69 -3.64 25.56
N HIS B 40 16.01 -3.46 25.53
CA HIS B 40 16.81 -3.90 26.66
C HIS B 40 16.55 -3.00 27.88
N PRO B 41 16.49 -3.59 29.08
CA PRO B 41 16.16 -2.76 30.26
C PRO B 41 17.17 -1.64 30.54
N THR B 42 18.43 -1.80 30.11
CA THR B 42 19.41 -0.75 30.34
C THR B 42 19.18 0.48 29.47
N SER B 43 18.44 0.36 28.37
CA SER B 43 18.28 1.44 27.40
C SER B 43 16.84 1.86 27.18
N PHE B 44 15.87 1.08 27.64
CA PHE B 44 14.46 1.30 27.31
C PHE B 44 13.95 2.61 27.91
N PHE B 45 14.40 2.96 29.12
CA PHE B 45 13.91 4.15 29.79
C PHE B 45 14.81 5.35 29.52
N LYS B 46 14.20 6.50 29.24
CA LYS B 46 14.91 7.75 29.01
C LYS B 46 14.15 8.89 29.66
N PRO B 47 14.83 9.94 30.09
CA PRO B 47 14.12 11.11 30.63
C PRO B 47 13.49 11.93 29.52
N ASN B 48 12.37 12.57 29.85
CA ASN B 48 11.80 13.57 28.96
C ASN B 48 12.42 14.93 29.26
N TYR B 49 11.94 15.97 28.59
CA TYR B 49 12.53 17.30 28.79
C TYR B 49 12.21 17.91 30.15
N LYS B 50 11.25 17.36 30.89
CA LYS B 50 10.96 17.80 32.24
C LYS B 50 11.76 17.06 33.30
N GLY B 51 12.58 16.09 32.89
CA GLY B 51 13.31 15.27 33.84
C GLY B 51 12.59 14.03 34.32
N GLU B 52 11.46 13.68 33.72
CA GLU B 52 10.71 12.49 34.11
C GLU B 52 11.18 11.28 33.31
N VAL B 53 11.45 10.17 34.00
CA VAL B 53 11.95 8.97 33.32
C VAL B 53 10.77 8.11 32.88
N LYS B 54 10.73 7.77 31.60
CA LYS B 54 9.62 7.05 30.99
C LYS B 54 10.17 6.10 29.95
N PRO B 55 9.35 5.14 29.48
CA PRO B 55 9.69 4.45 28.23
C PRO B 55 10.10 5.47 27.17
N TRP B 56 11.17 5.13 26.42
CA TRP B 56 11.77 6.09 25.49
C TRP B 56 10.73 6.75 24.58
N PHE B 57 9.77 5.99 24.08
CA PHE B 57 8.84 6.59 23.12
C PHE B 57 7.83 7.51 23.80
N LEU B 58 7.55 7.30 25.09
CA LEU B 58 6.67 8.22 25.79
C LEU B 58 7.37 9.54 26.07
N SER B 59 8.66 9.49 26.40
CA SER B 59 9.42 10.72 26.55
C SER B 59 9.54 11.45 25.23
N ALA B 60 9.69 10.70 24.13
CA ALA B 60 9.71 11.34 22.81
C ALA B 60 8.35 11.96 22.49
N TYR B 61 7.25 11.31 22.87
CA TYR B 61 5.93 11.91 22.70
C TYR B 61 5.85 13.26 23.38
N ASP B 62 6.34 13.35 24.62
CA ASP B 62 6.33 14.62 25.34
C ASP B 62 7.04 15.72 24.57
N GLU B 63 8.15 15.37 23.90
CA GLU B 63 8.87 16.36 23.10
C GLU B 63 8.06 16.77 21.88
N LYS B 64 7.35 15.82 21.26
CA LYS B 64 6.51 16.16 20.11
C LYS B 64 5.42 17.15 20.51
N VAL B 65 4.77 16.91 21.64
CA VAL B 65 3.73 17.83 22.13
C VAL B 65 4.33 19.20 22.40
N ARG B 66 5.46 19.23 23.11
CA ARG B 66 6.14 20.48 23.39
C ARG B 66 6.48 21.22 22.10
N GLN B 67 6.92 20.49 21.08
CA GLN B 67 7.28 21.16 19.82
C GLN B 67 6.06 21.74 19.14
N ILE B 68 4.96 20.99 19.10
CA ILE B 68 3.74 21.53 18.48
C ILE B 68 3.30 22.79 19.20
N GLU B 69 3.26 22.74 20.54
CA GLU B 69 2.87 23.91 21.33
C GLU B 69 3.76 25.11 21.03
N ASN B 70 5.05 24.86 20.83
CA ASN B 70 6.00 25.94 20.57
C ASN B 70 6.21 26.21 19.09
N GLY B 71 5.42 25.58 18.22
CA GLY B 71 5.50 25.89 16.80
C GLY B 71 6.83 25.49 16.17
N GLU B 72 7.27 24.28 16.47
CA GLU B 72 8.54 23.76 15.99
C GLU B 72 8.33 22.44 15.27
N ASN B 73 9.16 22.19 14.26
CA ASN B 73 9.18 20.94 13.51
C ASN B 73 10.25 19.97 14.00
N GLY B 74 11.08 20.39 14.94
CA GLY B 74 12.15 19.57 15.44
C GLY B 74 12.87 20.33 16.55
N PRO B 75 13.93 19.76 17.09
CA PRO B 75 14.65 20.42 18.19
C PRO B 75 15.28 21.72 17.70
N LYS B 76 14.86 22.83 18.31
CA LYS B 76 15.38 24.16 17.97
C LYS B 76 15.15 24.49 16.49
N MET B 77 14.09 23.93 15.90
CA MET B 77 13.76 24.19 14.49
C MET B 77 12.34 24.75 14.45
N LYS B 78 12.25 26.07 14.32
CA LYS B 78 10.95 26.72 14.22
C LYS B 78 10.23 26.29 12.96
N ALA B 79 8.94 25.97 13.12
CA ALA B 79 8.07 25.75 11.98
C ALA B 79 7.56 27.10 11.46
N LYS B 80 6.87 27.06 10.32
CA LYS B 80 6.22 28.26 9.83
C LYS B 80 5.21 28.79 10.83
N ASN B 81 4.50 27.88 11.49
CA ASN B 81 3.50 28.22 12.51
C ASN B 81 3.12 26.92 13.21
N VAL B 82 2.26 27.04 14.23
CA VAL B 82 1.80 25.87 14.96
C VAL B 82 1.06 24.91 14.03
N GLY B 83 0.30 25.44 13.07
CA GLY B 83 -0.40 24.58 12.14
C GLY B 83 0.53 23.65 11.38
N GLU B 84 1.65 24.19 10.88
CA GLU B 84 2.61 23.35 10.17
C GLU B 84 3.22 22.30 11.11
N ALA B 85 3.59 22.70 12.32
CA ALA B 85 4.12 21.74 13.30
C ALA B 85 3.13 20.59 13.50
N ARG B 86 1.86 20.91 13.73
CA ARG B 86 0.82 19.90 13.92
C ARG B 86 0.74 18.95 12.71
N ALA B 87 0.76 19.52 11.50
CA ALA B 87 0.60 18.72 10.28
C ALA B 87 1.72 17.67 10.14
N GLY B 88 2.96 18.05 10.46
CA GLY B 88 4.05 17.11 10.35
C GLY B 88 3.90 15.92 11.29
N ARG B 89 3.46 16.18 12.53
CA ARG B 89 3.27 15.09 13.49
C ARG B 89 2.03 14.27 13.15
N ALA B 90 0.99 14.91 12.60
CA ALA B 90 -0.17 14.16 12.13
C ALA B 90 0.22 13.23 10.98
N LEU B 91 1.08 13.70 10.07
CA LEU B 91 1.50 12.83 8.97
C LEU B 91 2.33 11.66 9.49
N GLU B 92 3.26 11.94 10.41
CA GLU B 92 4.08 10.88 11.02
C GLU B 92 3.20 9.84 11.72
N ALA B 93 2.28 10.31 12.57
CA ALA B 93 1.45 9.37 13.32
C ALA B 93 0.62 8.50 12.38
N ALA B 94 0.03 9.11 11.35
CA ALA B 94 -0.78 8.36 10.40
C ALA B 94 0.04 7.32 9.65
N GLY B 95 1.32 7.61 9.37
CA GLY B 95 2.11 6.69 8.57
C GLY B 95 2.23 5.30 9.18
N TRP B 96 2.23 5.22 10.51
CA TRP B 96 2.35 3.99 11.30
C TRP B 96 1.07 3.14 11.35
N THR B 97 0.03 3.47 10.56
CA THR B 97 -1.28 2.83 10.73
C THR B 97 -1.22 1.31 10.69
N LEU B 98 -0.41 0.73 9.78
CA LEU B 98 -0.33 -0.73 9.61
C LEU B 98 0.89 -1.32 10.30
N ASP B 99 1.28 -0.77 11.45
CA ASP B 99 2.46 -1.25 12.16
C ASP B 99 2.16 -1.31 13.65
N ILE B 100 2.58 -2.39 14.31
CA ILE B 100 2.33 -2.61 15.74
C ILE B 100 3.57 -2.22 16.53
N ASN B 101 3.42 -1.26 17.45
CA ASN B 101 4.43 -0.96 18.48
C ASN B 101 5.81 -0.74 17.89
N TYR B 102 5.85 0.05 16.81
CA TYR B 102 7.10 0.49 16.19
C TYR B 102 7.96 -0.69 15.71
N GLY B 103 7.43 -1.44 14.75
CA GLY B 103 8.26 -2.37 14.02
C GLY B 103 7.69 -3.74 13.71
N ASN B 104 6.50 -4.08 14.23
CA ASN B 104 5.89 -5.39 13.98
C ASN B 104 6.81 -6.54 14.41
N ILE B 105 7.53 -6.38 15.53
CA ILE B 105 8.54 -7.38 15.86
C ILE B 105 7.95 -8.67 16.43
N TYR B 106 6.78 -8.65 17.07
CA TYR B 106 6.31 -9.89 17.72
C TYR B 106 5.96 -10.92 16.65
N PRO B 107 6.61 -12.07 16.61
CA PRO B 107 6.32 -13.03 15.54
C PRO B 107 5.00 -13.75 15.78
N ASN B 108 4.29 -14.01 14.69
CA ASN B 108 3.03 -14.77 14.74
C ASN B 108 1.98 -14.05 15.58
N ARG B 109 2.01 -12.72 15.59
CA ARG B 109 1.01 -11.88 16.23
C ARG B 109 0.56 -10.81 15.26
N PHE B 110 -0.70 -10.38 15.42
CA PHE B 110 -1.28 -9.26 14.67
C PHE B 110 -1.11 -9.44 13.17
N PHE B 111 -0.30 -8.60 12.51
CA PHE B 111 -0.12 -8.75 11.06
C PHE B 111 0.87 -9.83 10.68
N MET B 112 1.73 -10.27 11.60
CA MET B 112 2.86 -11.14 11.29
C MET B 112 2.54 -12.62 11.46
N LEU B 113 1.37 -13.08 11.02
CA LEU B 113 0.99 -14.47 11.24
C LEU B 113 1.85 -15.41 10.41
N TRP B 114 2.27 -16.52 11.04
CA TRP B 114 3.13 -17.51 10.40
C TRP B 114 2.34 -18.49 9.55
N SER B 115 1.02 -18.49 9.67
CA SER B 115 0.13 -19.27 8.82
C SER B 115 -0.95 -18.34 8.28
N GLY B 116 -1.38 -18.60 7.04
CA GLY B 116 -2.48 -17.81 6.51
C GLY B 116 -3.86 -18.28 6.90
N GLU B 117 -3.98 -19.39 7.64
CA GLU B 117 -5.26 -20.09 7.74
C GLU B 117 -6.38 -19.20 8.33
N THR B 118 -6.06 -18.35 9.30
CA THR B 118 -7.10 -17.56 9.95
C THR B 118 -7.38 -16.23 9.27
N MET B 119 -6.63 -15.87 8.24
CA MET B 119 -6.79 -14.55 7.64
C MET B 119 -8.11 -14.46 6.88
N THR B 120 -8.73 -13.26 6.93
CA THR B 120 -10.01 -13.10 6.23
C THR B 120 -9.86 -13.41 4.73
N ASN B 121 -8.72 -13.04 4.15
CA ASN B 121 -8.52 -13.29 2.71
C ASN B 121 -8.44 -14.77 2.42
N THR B 122 -7.71 -15.53 3.26
CA THR B 122 -7.62 -16.97 3.08
C THR B 122 -8.99 -17.64 3.22
N GLN B 123 -9.78 -17.20 4.20
CA GLN B 123 -11.11 -17.78 4.39
C GLN B 123 -12.01 -17.53 3.19
N LEU B 124 -11.99 -16.30 2.66
CA LEU B 124 -12.81 -15.98 1.51
C LEU B 124 -12.45 -16.85 0.30
N TRP B 125 -11.16 -17.15 0.15
CA TRP B 125 -10.64 -17.88 -1.00
C TRP B 125 -10.58 -19.38 -0.78
N ALA B 126 -10.99 -19.85 0.40
CA ALA B 126 -10.84 -21.26 0.74
C ALA B 126 -11.46 -22.23 -0.27
N PRO B 127 -12.62 -21.96 -0.90
CA PRO B 127 -13.15 -22.92 -1.87
C PRO B 127 -12.23 -23.20 -3.05
N VAL B 128 -11.29 -22.31 -3.36
CA VAL B 128 -10.39 -22.57 -4.49
C VAL B 128 -9.27 -23.52 -4.08
N GLY B 129 -8.93 -23.55 -2.79
CA GLY B 129 -7.94 -24.49 -2.28
C GLY B 129 -6.50 -24.20 -2.67
N LEU B 130 -6.16 -22.95 -2.99
CA LEU B 130 -4.80 -22.67 -3.42
C LEU B 130 -3.78 -22.92 -2.31
N ASP B 131 -4.15 -22.65 -1.05
CA ASP B 131 -3.21 -22.86 0.04
C ASP B 131 -3.13 -24.31 0.48
N ARG B 132 -4.00 -25.20 -0.02
CA ARG B 132 -3.90 -26.61 0.34
C ARG B 132 -3.45 -27.50 -0.80
N ARG B 133 -3.42 -26.99 -2.01
CA ARG B 133 -3.01 -27.74 -3.20
C ARG B 133 -1.48 -27.80 -3.26
N PRO B 134 -0.90 -28.96 -3.54
CA PRO B 134 0.56 -29.04 -3.69
C PRO B 134 1.04 -28.10 -4.78
N PRO B 135 2.30 -27.67 -4.73
CA PRO B 135 2.81 -26.76 -5.76
C PRO B 135 2.69 -27.37 -7.15
N ASP B 136 2.33 -26.53 -8.12
CA ASP B 136 2.40 -26.93 -9.52
C ASP B 136 3.75 -26.58 -10.15
N THR B 137 4.56 -25.78 -9.47
CA THR B 137 5.88 -25.39 -9.97
C THR B 137 6.89 -25.62 -8.87
N THR B 138 7.93 -26.39 -9.18
CA THR B 138 9.03 -26.63 -8.25
C THR B 138 10.37 -26.19 -8.83
N ASP B 139 10.39 -25.72 -10.07
CA ASP B 139 11.60 -25.21 -10.71
C ASP B 139 12.02 -23.90 -10.06
N PRO B 140 13.20 -23.83 -9.41
CA PRO B 140 13.59 -22.57 -8.75
C PRO B 140 13.74 -21.39 -9.69
N VAL B 141 14.05 -21.63 -10.96
CA VAL B 141 14.20 -20.53 -11.89
C VAL B 141 12.86 -19.85 -12.14
N GLU B 142 11.83 -20.63 -12.46
CA GLU B 142 10.50 -20.06 -12.69
C GLU B 142 9.93 -19.45 -11.41
N LEU B 143 10.14 -20.11 -10.27
CA LEU B 143 9.63 -19.59 -9.00
C LEU B 143 10.28 -18.26 -8.66
N THR B 144 11.59 -18.13 -8.92
CA THR B 144 12.27 -16.87 -8.65
C THR B 144 11.69 -15.75 -9.49
N ASN B 145 11.39 -16.04 -10.77
CA ASN B 145 10.79 -15.01 -11.61
C ASN B 145 9.39 -14.66 -11.11
N TYR B 146 8.59 -15.68 -10.78
CA TYR B 146 7.23 -15.44 -10.27
C TYR B 146 7.26 -14.63 -8.98
N VAL B 147 8.08 -15.05 -8.01
CA VAL B 147 7.97 -14.40 -6.70
C VAL B 147 8.56 -13.00 -6.74
N LYS B 148 9.53 -12.73 -7.63
CA LYS B 148 10.06 -11.38 -7.72
C LYS B 148 9.08 -10.45 -8.40
N PHE B 149 8.38 -10.93 -9.43
CA PHE B 149 7.29 -10.16 -10.01
C PHE B 149 6.26 -9.82 -8.94
N ALA B 150 5.84 -10.82 -8.17
CA ALA B 150 4.88 -10.59 -7.09
C ALA B 150 5.41 -9.58 -6.08
N ALA B 151 6.71 -9.65 -5.78
CA ALA B 151 7.29 -8.73 -4.79
C ALA B 151 7.20 -7.29 -5.28
N ARG B 152 7.41 -7.06 -6.57
CA ARG B 152 7.27 -5.71 -7.10
C ARG B 152 5.82 -5.24 -7.03
N MET B 153 4.87 -6.12 -7.40
CA MET B 153 3.45 -5.78 -7.22
C MET B 153 3.15 -5.41 -5.76
N ALA B 154 3.80 -6.10 -4.83
CA ALA B 154 3.60 -5.93 -3.39
C ALA B 154 4.33 -4.72 -2.81
N GLY B 155 5.02 -3.91 -3.62
CA GLY B 155 5.54 -2.65 -3.13
C GLY B 155 7.02 -2.59 -2.89
N ALA B 156 7.77 -3.66 -3.19
CA ALA B 156 9.22 -3.60 -3.09
C ALA B 156 9.79 -2.80 -4.23
N ASP B 157 10.74 -1.92 -3.90
CA ASP B 157 11.52 -1.23 -4.92
C ASP B 157 12.76 -2.03 -5.32
N LEU B 158 13.26 -2.86 -4.41
CA LEU B 158 14.35 -3.79 -4.62
C LEU B 158 13.95 -5.14 -4.04
N VAL B 159 14.37 -6.22 -4.68
CA VAL B 159 14.10 -7.55 -4.14
C VAL B 159 15.31 -8.45 -4.43
N GLY B 160 15.66 -9.27 -3.44
CA GLY B 160 16.76 -10.21 -3.59
C GLY B 160 16.49 -11.47 -2.80
N VAL B 161 17.21 -12.53 -3.16
CA VAL B 161 17.05 -13.84 -2.55
C VAL B 161 18.39 -14.32 -2.04
N ALA B 162 18.40 -14.91 -0.85
CA ALA B 162 19.60 -15.57 -0.33
C ALA B 162 19.20 -16.86 0.35
N ARG B 163 20.15 -17.79 0.44
CA ARG B 163 20.00 -18.88 1.40
C ARG B 163 19.93 -18.30 2.81
N LEU B 164 19.12 -18.92 3.66
CA LEU B 164 18.93 -18.43 5.02
C LEU B 164 20.15 -18.75 5.86
N ASN B 165 20.84 -17.71 6.33
CA ASN B 165 21.95 -17.88 7.26
C ASN B 165 21.40 -17.75 8.68
N ARG B 166 21.36 -18.88 9.40
CA ARG B 166 20.75 -18.87 10.72
C ARG B 166 21.51 -18.02 11.72
N ASN B 167 22.75 -17.60 11.42
CA ASN B 167 23.50 -16.73 12.32
C ASN B 167 22.79 -15.41 12.57
N TRP B 168 21.99 -14.94 11.62
CA TRP B 168 21.32 -13.66 11.74
C TRP B 168 19.89 -13.79 12.23
N VAL B 169 19.43 -15.00 12.50
CA VAL B 169 18.11 -15.19 13.10
C VAL B 169 18.26 -15.02 14.60
N TYR B 170 17.37 -14.24 15.21
CA TYR B 170 17.47 -14.00 16.64
C TYR B 170 17.40 -15.33 17.39
N SER B 171 18.24 -15.48 18.42
CA SER B 171 18.19 -16.70 19.21
C SER B 171 16.85 -16.81 19.94
N GLU B 172 16.33 -15.68 20.38
CA GLU B 172 15.04 -15.60 21.05
C GLU B 172 14.37 -14.31 20.60
N ALA B 173 13.08 -14.38 20.36
CA ALA B 173 12.29 -13.23 19.94
C ALA B 173 11.69 -12.50 21.13
N VAL B 174 11.40 -11.22 20.93
CA VAL B 174 10.53 -10.48 21.84
C VAL B 174 9.11 -10.59 21.30
N THR B 175 8.18 -11.04 22.15
CA THR B 175 6.81 -11.26 21.71
C THR B 175 5.89 -11.02 22.90
N ILE B 176 4.63 -11.40 22.77
CA ILE B 176 3.64 -11.35 23.84
C ILE B 176 2.87 -12.66 23.86
N PRO B 177 2.24 -13.00 24.98
CA PRO B 177 1.39 -14.20 24.99
C PRO B 177 0.26 -14.06 23.98
N ALA B 178 -0.15 -15.20 23.41
CA ALA B 178 -1.03 -15.18 22.26
C ALA B 178 -2.40 -14.58 22.58
N ASP B 179 -2.86 -14.72 23.83
CA ASP B 179 -4.18 -14.23 24.20
C ASP B 179 -4.13 -12.85 24.87
N VAL B 180 -2.99 -12.20 24.89
CA VAL B 180 -2.92 -10.85 25.47
C VAL B 180 -3.47 -9.84 24.47
N PRO B 181 -4.41 -8.99 24.87
CA PRO B 181 -4.96 -8.00 23.94
C PRO B 181 -3.95 -6.88 23.69
N TYR B 182 -4.17 -6.15 22.58
CA TYR B 182 -3.22 -5.11 22.21
C TYR B 182 -2.98 -4.12 23.35
N GLU B 183 -4.05 -3.72 24.05
CA GLU B 183 -3.91 -2.67 25.05
C GLU B 183 -2.96 -3.05 26.19
N GLN B 184 -2.66 -4.34 26.36
CA GLN B 184 -1.71 -4.78 27.37
C GLN B 184 -0.37 -5.21 26.78
N SER B 185 -0.19 -5.12 25.46
CA SER B 185 0.98 -5.71 24.82
C SER B 185 2.29 -5.13 25.37
N LEU B 186 2.38 -3.79 25.41
CA LEU B 186 3.65 -3.17 25.80
C LEU B 186 4.07 -3.55 27.21
N HIS B 187 3.11 -3.88 28.08
CA HIS B 187 3.41 -4.24 29.46
C HIS B 187 3.62 -5.74 29.67
N LYS B 188 3.44 -6.56 28.64
CA LYS B 188 3.50 -8.00 28.80
C LYS B 188 4.40 -8.63 27.75
N GLU B 189 5.43 -7.89 27.31
CA GLU B 189 6.40 -8.48 26.40
C GLU B 189 7.23 -9.54 27.11
N ILE B 190 7.53 -10.61 26.37
CA ILE B 190 8.26 -11.76 26.88
C ILE B 190 9.31 -12.15 25.85
N GLU B 191 10.23 -13.01 26.27
CA GLU B 191 11.24 -13.59 25.38
C GLU B 191 10.86 -15.02 25.06
N LYS B 192 11.14 -15.44 23.82
CA LYS B 192 10.71 -16.76 23.35
C LYS B 192 11.72 -17.28 22.34
N PRO B 193 12.25 -18.49 22.54
CA PRO B 193 13.27 -19.00 21.61
C PRO B 193 12.71 -19.26 20.22
N ILE B 194 13.53 -18.98 19.21
CA ILE B 194 13.30 -19.38 17.83
C ILE B 194 14.21 -20.57 17.55
N VAL B 195 13.64 -21.70 17.18
CA VAL B 195 14.42 -22.92 16.99
C VAL B 195 14.05 -23.54 15.65
N PHE B 196 14.96 -24.37 15.15
CA PHE B 196 14.77 -25.08 13.89
C PHE B 196 14.62 -26.56 14.17
N LYS B 197 13.56 -27.17 13.62
CA LYS B 197 13.26 -28.57 13.87
C LYS B 197 12.69 -29.21 12.62
N ASP B 198 12.77 -30.54 12.57
CA ASP B 198 12.17 -31.29 11.46
C ASP B 198 10.67 -31.35 11.68
N VAL B 199 9.98 -30.33 11.17
CA VAL B 199 8.51 -30.26 11.21
C VAL B 199 8.05 -29.84 9.83
N PRO B 200 6.79 -30.14 9.47
CA PRO B 200 6.34 -29.81 8.11
C PRO B 200 6.11 -28.33 7.89
N LEU B 201 5.62 -27.61 8.91
CA LEU B 201 5.14 -26.25 8.77
C LEU B 201 5.64 -25.40 9.92
N PRO B 202 5.85 -24.10 9.70
CA PRO B 202 6.12 -23.21 10.83
C PRO B 202 5.02 -23.34 11.87
N ILE B 203 5.42 -23.41 13.14
CA ILE B 203 4.47 -23.64 14.21
C ILE B 203 4.99 -23.00 15.48
N GLU B 204 4.06 -22.47 16.28
CA GLU B 204 4.39 -21.91 17.59
C GLU B 204 3.73 -22.76 18.67
N THR B 205 4.54 -23.20 19.65
CA THR B 205 4.03 -23.88 20.82
C THR B 205 4.04 -22.91 21.99
N ASP B 206 3.64 -23.40 23.16
CA ASP B 206 3.71 -22.56 24.34
C ASP B 206 5.14 -22.13 24.62
N ASP B 207 6.11 -22.94 24.20
CA ASP B 207 7.50 -22.75 24.60
C ASP B 207 8.40 -22.22 23.50
N GLU B 208 8.07 -22.46 22.22
CA GLU B 208 9.01 -22.17 21.16
C GLU B 208 8.30 -21.65 19.91
N LEU B 209 9.02 -20.81 19.18
CA LEU B 209 8.72 -20.50 17.79
C LEU B 209 9.56 -21.45 16.93
N ILE B 210 8.89 -22.32 16.17
CA ILE B 210 9.57 -23.39 15.46
C ILE B 210 9.55 -23.11 13.97
N ILE B 211 10.74 -22.92 13.40
CA ILE B 211 10.91 -22.77 11.96
C ILE B 211 11.34 -24.12 11.39
N PRO B 212 10.70 -24.62 10.34
CA PRO B 212 11.11 -25.92 9.78
C PRO B 212 12.54 -25.89 9.27
N ASN B 213 13.21 -27.04 9.39
CA ASN B 213 14.52 -27.18 8.77
C ASN B 213 14.47 -27.03 7.26
N THR B 214 13.29 -27.22 6.64
CA THR B 214 13.16 -27.03 5.21
C THR B 214 13.12 -25.56 4.82
N CYS B 215 13.20 -24.64 5.78
CA CYS B 215 13.06 -23.20 5.48
C CYS B 215 14.39 -22.70 4.92
N GLU B 216 14.56 -22.91 3.61
CA GLU B 216 15.87 -22.78 2.98
C GLU B 216 16.25 -21.33 2.69
N ASN B 217 15.27 -20.47 2.41
CA ASN B 217 15.52 -19.21 1.71
C ASN B 217 14.94 -18.03 2.45
N VAL B 218 15.52 -16.86 2.18
CA VAL B 218 14.98 -15.59 2.62
C VAL B 218 14.87 -14.66 1.43
N ILE B 219 13.72 -14.02 1.29
CA ILE B 219 13.47 -13.00 0.27
C ILE B 219 13.53 -11.66 0.97
N VAL B 220 14.41 -10.76 0.50
CA VAL B 220 14.62 -9.46 1.16
C VAL B 220 14.12 -8.37 0.23
N ALA B 221 13.31 -7.45 0.76
CA ALA B 221 12.76 -6.33 0.01
C ALA B 221 13.35 -5.02 0.50
N GLY B 222 13.61 -4.11 -0.44
CA GLY B 222 13.97 -2.74 -0.14
C GLY B 222 12.79 -1.83 -0.49
N ILE B 223 12.42 -0.98 0.46
CA ILE B 223 11.25 -0.13 0.34
C ILE B 223 11.76 1.31 0.46
N ALA B 224 11.76 2.03 -0.67
CA ALA B 224 12.48 3.30 -0.75
C ALA B 224 11.77 4.41 0.02
N MET B 225 12.55 5.17 0.80
CA MET B 225 12.03 6.35 1.47
C MET B 225 12.16 7.57 0.56
N ASN B 226 11.52 8.66 0.97
CA ASN B 226 11.48 9.88 0.16
C ASN B 226 12.69 10.74 0.48
N ARG B 227 13.39 11.18 -0.57
CA ARG B 227 14.65 11.90 -0.39
C ARG B 227 14.43 13.27 0.25
N GLU B 228 13.47 14.04 -0.28
CA GLU B 228 13.23 15.38 0.26
C GLU B 228 12.85 15.33 1.73
N MET B 229 12.06 14.33 2.11
CA MET B 229 11.58 14.24 3.48
C MET B 229 12.70 13.77 4.41
N MET B 230 13.49 12.79 3.98
CA MET B 230 14.60 12.33 4.84
C MET B 230 15.65 13.42 5.01
N GLN B 231 15.78 14.34 4.04
CA GLN B 231 16.75 15.42 4.20
C GLN B 231 16.40 16.40 5.31
N THR B 232 15.18 16.35 5.86
CA THR B 232 14.81 17.18 6.99
C THR B 232 15.20 16.56 8.34
N ALA B 233 15.82 15.38 8.33
CA ALA B 233 16.26 14.77 9.57
C ALA B 233 17.08 15.78 10.39
N PRO B 234 16.90 15.83 11.70
CA PRO B 234 16.09 14.93 12.53
C PRO B 234 14.65 15.39 12.74
N ASN B 235 14.11 16.20 11.83
CA ASN B 235 12.84 16.86 12.07
C ASN B 235 11.68 15.97 11.61
N SER B 236 10.45 16.49 11.68
CA SER B 236 9.28 15.63 11.64
C SER B 236 9.05 14.99 10.28
N MET B 237 9.40 15.65 9.17
CA MET B 237 9.07 15.02 7.90
C MET B 237 9.95 13.81 7.63
N ALA B 238 11.16 13.76 8.21
CA ALA B 238 11.95 12.53 8.13
C ALA B 238 11.26 11.42 8.91
N CYS B 239 10.64 11.76 10.04
CA CYS B 239 9.85 10.78 10.79
C CYS B 239 8.69 10.27 9.97
N ALA B 240 8.09 11.12 9.13
CA ALA B 240 6.90 10.70 8.39
C ALA B 240 7.25 9.73 7.26
N THR B 241 8.36 9.95 6.54
CA THR B 241 8.69 8.98 5.50
C THR B 241 9.11 7.65 6.11
N THR B 242 9.77 7.69 7.26
CA THR B 242 10.07 6.45 8.00
C THR B 242 8.78 5.70 8.31
N ALA B 243 7.80 6.40 8.88
CA ALA B 243 6.56 5.78 9.34
C ALA B 243 5.80 5.14 8.19
N PHE B 244 5.59 5.91 7.10
CA PHE B 244 4.82 5.38 5.98
C PHE B 244 5.48 4.13 5.41
N CYS B 245 6.81 4.08 5.38
CA CYS B 245 7.47 2.91 4.83
C CYS B 245 7.35 1.70 5.75
N TYR B 246 7.15 1.89 7.06
CA TYR B 246 6.87 0.73 7.91
C TYR B 246 5.52 0.11 7.57
N SER B 247 4.52 0.92 7.26
CA SER B 247 3.27 0.33 6.84
C SER B 247 3.41 -0.31 5.46
N ARG B 248 4.23 0.26 4.58
CA ARG B 248 4.50 -0.40 3.28
C ARG B 248 5.18 -1.75 3.49
N MET B 249 6.11 -1.83 4.45
CA MET B 249 6.75 -3.10 4.80
C MET B 249 5.71 -4.13 5.18
N CYS B 250 4.78 -3.73 6.05
CA CYS B 250 3.78 -4.68 6.56
C CYS B 250 2.94 -5.23 5.42
N MET B 251 2.45 -4.34 4.55
CA MET B 251 1.64 -4.80 3.43
C MET B 251 2.45 -5.70 2.50
N PHE B 252 3.71 -5.35 2.25
CA PHE B 252 4.57 -6.22 1.43
C PHE B 252 4.63 -7.63 2.00
N ASP B 253 4.95 -7.76 3.30
CA ASP B 253 5.06 -9.07 3.93
C ASP B 253 3.78 -9.86 3.77
N MET B 254 2.63 -9.23 4.04
CA MET B 254 1.36 -9.96 3.98
C MET B 254 1.04 -10.39 2.56
N TRP B 255 1.12 -9.46 1.60
CA TRP B 255 0.87 -9.81 0.21
C TRP B 255 1.77 -10.96 -0.25
N LEU B 256 3.07 -10.86 0.04
CA LEU B 256 4.01 -11.83 -0.51
C LEU B 256 3.84 -13.19 0.19
N CYS B 257 3.63 -13.19 1.50
CA CYS B 257 3.36 -14.46 2.18
C CYS B 257 2.12 -15.13 1.61
N GLN B 258 1.07 -14.36 1.36
CA GLN B 258 -0.13 -14.95 0.77
C GLN B 258 0.16 -15.51 -0.62
N PHE B 259 0.91 -14.78 -1.45
CA PHE B 259 1.26 -15.32 -2.77
C PHE B 259 1.98 -16.65 -2.65
N ILE B 260 2.98 -16.71 -1.77
CA ILE B 260 3.79 -17.92 -1.61
C ILE B 260 2.94 -19.08 -1.10
N ARG B 261 2.04 -18.80 -0.15
CA ARG B 261 1.16 -19.84 0.37
C ARG B 261 0.21 -20.34 -0.71
N TYR B 262 -0.30 -19.43 -1.53
CA TYR B 262 -1.21 -19.82 -2.61
C TYR B 262 -0.49 -20.52 -3.75
N MET B 263 0.84 -20.48 -3.76
CA MET B 263 1.66 -21.27 -4.66
C MET B 263 1.96 -22.66 -4.13
N GLY B 264 1.57 -22.96 -2.90
CA GLY B 264 1.79 -24.28 -2.34
C GLY B 264 2.96 -24.40 -1.39
N TYR B 265 3.55 -23.29 -0.96
CA TYR B 265 4.67 -23.29 -0.01
C TYR B 265 4.25 -22.58 1.26
N TYR B 266 5.13 -22.54 2.27
CA TYR B 266 4.84 -21.74 3.45
C TYR B 266 5.70 -20.49 3.46
N ALA B 267 5.32 -19.52 4.29
CA ALA B 267 6.01 -18.24 4.29
C ALA B 267 5.90 -17.60 5.66
N ILE B 268 7.02 -17.10 6.17
CA ILE B 268 7.08 -16.44 7.48
C ILE B 268 7.36 -14.96 7.24
N PRO B 269 6.45 -14.06 7.62
CA PRO B 269 6.72 -12.62 7.50
C PRO B 269 7.59 -12.17 8.67
N SER B 270 8.09 -10.93 8.61
CA SER B 270 8.86 -10.49 9.78
C SER B 270 8.95 -8.99 10.05
N CYS B 271 8.96 -8.14 9.01
CA CYS B 271 9.25 -6.71 9.24
C CYS B 271 10.50 -6.55 10.09
N ASN B 272 10.43 -5.90 11.27
CA ASN B 272 11.64 -5.71 12.07
C ASN B 272 11.95 -6.87 13.00
N GLY B 273 11.12 -7.92 13.00
CA GLY B 273 11.34 -9.05 13.88
C GLY B 273 12.15 -10.16 13.22
N VAL B 274 12.27 -11.27 13.98
CA VAL B 274 12.81 -12.57 13.57
C VAL B 274 14.32 -12.58 13.35
N GLY B 275 14.86 -11.60 12.64
CA GLY B 275 16.29 -11.62 12.38
C GLY B 275 16.78 -10.26 11.91
N GLN B 276 18.08 -10.20 11.66
CA GLN B 276 18.77 -8.94 11.39
C GLN B 276 18.72 -8.63 9.90
N SER B 277 17.93 -7.62 9.53
CA SER B 277 17.65 -7.35 8.12
C SER B 277 18.88 -6.94 7.33
N VAL B 278 19.78 -6.16 7.94
CA VAL B 278 20.94 -5.67 7.19
C VAL B 278 21.79 -6.85 6.73
N ALA B 279 22.01 -7.83 7.61
CA ALA B 279 22.78 -9.00 7.21
C ALA B 279 22.12 -9.74 6.07
N PHE B 280 20.81 -9.99 6.16
CA PHE B 280 20.08 -10.66 5.09
C PHE B 280 20.18 -9.87 3.79
N ALA B 281 20.04 -8.54 3.88
CA ALA B 281 20.07 -7.71 2.68
C ALA B 281 21.42 -7.79 1.99
N VAL B 282 22.50 -7.83 2.76
CA VAL B 282 23.83 -7.94 2.18
C VAL B 282 24.01 -9.30 1.50
N GLU B 283 23.57 -10.36 2.17
CA GLU B 283 23.75 -11.70 1.59
C GLU B 283 22.88 -11.89 0.35
N ALA B 284 21.77 -11.16 0.25
CA ALA B 284 20.88 -11.20 -0.90
C ALA B 284 21.28 -10.23 -2.01
N GLY B 285 22.35 -9.47 -1.81
CA GLY B 285 22.88 -8.60 -2.84
C GLY B 285 22.18 -7.27 -3.02
N LEU B 286 21.34 -6.84 -2.08
CA LEU B 286 20.71 -5.52 -2.22
C LEU B 286 21.74 -4.39 -2.10
N GLY B 287 22.74 -4.58 -1.26
CA GLY B 287 23.74 -3.54 -1.07
C GLY B 287 24.86 -4.05 -0.19
N GLN B 288 25.66 -3.10 0.29
CA GLN B 288 26.80 -3.39 1.16
C GLN B 288 26.61 -2.73 2.52
N ALA B 289 27.14 -3.38 3.55
CA ALA B 289 27.14 -2.77 4.88
C ALA B 289 28.07 -1.57 4.92
N SER B 290 27.80 -0.64 5.84
CA SER B 290 28.43 0.67 5.85
C SER B 290 28.88 1.05 7.25
N ARG B 291 29.57 2.19 7.35
CA ARG B 291 30.04 2.66 8.66
C ARG B 291 28.88 2.93 9.60
N MET B 292 27.78 3.51 9.09
CA MET B 292 26.67 3.80 9.98
C MET B 292 25.95 2.54 10.44
N GLY B 293 26.19 1.41 9.79
CA GLY B 293 25.54 0.17 10.16
C GLY B 293 24.42 -0.25 9.24
N ALA B 294 24.09 0.58 8.25
CA ALA B 294 23.00 0.31 7.33
C ALA B 294 23.49 -0.40 6.07
N CYS B 295 22.56 -1.04 5.37
CA CYS B 295 22.82 -1.56 4.03
C CYS B 295 22.71 -0.41 3.04
N ILE B 296 23.80 -0.13 2.33
CA ILE B 296 23.82 0.93 1.32
C ILE B 296 23.60 0.31 -0.05
N THR B 297 22.54 0.77 -0.76
CA THR B 297 22.16 0.26 -2.06
C THR B 297 22.64 1.21 -3.16
N PRO B 298 22.89 0.70 -4.37
CA PRO B 298 23.26 1.61 -5.46
C PRO B 298 22.15 2.58 -5.81
N GLU B 299 20.88 2.15 -5.74
CA GLU B 299 19.78 3.00 -6.19
C GLU B 299 19.41 4.07 -5.16
N PHE B 300 19.50 3.76 -3.86
CA PHE B 300 18.97 4.65 -2.84
C PHE B 300 19.97 5.00 -1.76
N GLY B 301 21.21 4.52 -1.86
CA GLY B 301 22.11 4.54 -0.74
C GLY B 301 21.44 3.85 0.43
N PRO B 302 21.62 4.38 1.64
CA PRO B 302 20.95 3.80 2.81
C PRO B 302 19.52 4.28 3.02
N ASN B 303 19.00 5.13 2.13
CA ASN B 303 17.68 5.74 2.33
C ASN B 303 16.58 4.80 1.84
N VAL B 304 16.56 3.62 2.44
CA VAL B 304 15.65 2.57 2.03
C VAL B 304 15.38 1.68 3.23
N ARG B 305 14.14 1.25 3.39
CA ARG B 305 13.85 0.34 4.49
C ARG B 305 13.91 -1.10 3.99
N LEU B 306 14.06 -2.03 4.94
CA LEU B 306 14.21 -3.44 4.65
C LEU B 306 13.12 -4.25 5.32
N THR B 307 12.63 -5.28 4.63
CA THR B 307 11.84 -6.31 5.28
C THR B 307 12.17 -7.64 4.60
N LYS B 308 11.68 -8.74 5.16
CA LYS B 308 12.09 -10.01 4.62
C LYS B 308 11.06 -11.09 4.97
N VAL B 309 11.06 -12.13 4.14
CA VAL B 309 10.10 -13.25 4.23
C VAL B 309 10.91 -14.53 4.10
N PHE B 310 10.65 -15.50 4.97
CA PHE B 310 11.38 -16.77 4.97
C PHE B 310 10.51 -17.87 4.38
N THR B 311 11.10 -18.72 3.55
CA THR B 311 10.25 -19.68 2.85
C THR B 311 11.03 -20.93 2.43
N ASN B 312 10.29 -22.03 2.28
CA ASN B 312 10.80 -23.26 1.68
C ASN B 312 10.64 -23.29 0.16
N MET B 313 10.04 -22.26 -0.43
CA MET B 313 9.92 -22.20 -1.89
C MET B 313 11.31 -22.29 -2.54
N PRO B 314 11.52 -23.23 -3.47
CA PRO B 314 12.81 -23.30 -4.17
C PRO B 314 13.08 -22.02 -4.95
N LEU B 315 14.28 -21.46 -4.78
CA LEU B 315 14.62 -20.19 -5.39
C LEU B 315 16.09 -20.20 -5.80
N VAL B 316 16.46 -19.28 -6.67
CA VAL B 316 17.85 -19.10 -7.11
C VAL B 316 18.45 -17.95 -6.30
N PRO B 317 19.46 -18.18 -5.48
CA PRO B 317 20.05 -17.09 -4.70
C PRO B 317 20.73 -16.05 -5.60
N ASP B 318 20.60 -14.79 -5.22
CA ASP B 318 21.25 -13.71 -5.93
C ASP B 318 22.71 -13.59 -5.51
N LYS B 319 23.51 -12.94 -6.35
CA LYS B 319 24.90 -12.77 -5.93
C LYS B 319 25.05 -11.54 -5.05
N PRO B 320 25.91 -11.60 -4.03
CA PRO B 320 26.30 -10.38 -3.32
C PRO B 320 27.00 -9.41 -4.26
N ILE B 321 27.01 -8.14 -3.88
CA ILE B 321 27.58 -7.11 -4.74
C ILE B 321 28.65 -6.34 -3.98
N ASP B 322 29.64 -5.87 -4.72
CA ASP B 322 30.71 -5.03 -4.20
C ASP B 322 30.85 -3.86 -5.17
N PHE B 323 30.35 -2.69 -4.81
CA PHE B 323 30.57 -1.48 -5.59
C PHE B 323 31.42 -0.46 -4.82
N GLY B 324 32.22 -0.94 -3.88
CA GLY B 324 33.24 -0.13 -3.24
C GLY B 324 32.81 0.60 -1.99
N VAL B 325 31.72 0.18 -1.35
CA VAL B 325 31.24 0.91 -0.18
C VAL B 325 32.24 0.79 0.96
N THR B 326 32.75 -0.41 1.21
CA THR B 326 33.70 -0.60 2.32
C THR B 326 34.84 0.40 2.21
N GLU B 327 35.46 0.50 1.02
CA GLU B 327 36.60 1.39 0.86
C GLU B 327 36.20 2.86 0.94
N PHE B 328 35.01 3.22 0.46
CA PHE B 328 34.55 4.59 0.59
C PHE B 328 34.32 4.95 2.06
N CYS B 329 33.68 4.05 2.81
CA CYS B 329 33.43 4.30 4.23
C CYS B 329 34.73 4.39 5.04
N GLU B 330 35.81 3.72 4.61
CA GLU B 330 37.02 3.75 5.43
C GLU B 330 37.56 5.16 5.57
N THR B 331 37.39 5.98 4.52
CA THR B 331 37.92 7.34 4.55
C THR B 331 36.85 8.42 4.69
N CYS B 332 35.57 8.11 4.56
CA CYS B 332 34.54 9.13 4.54
C CYS B 332 34.24 9.74 5.91
N LYS B 333 33.69 8.95 6.82
CA LYS B 333 33.39 9.35 8.21
C LYS B 333 32.38 10.51 8.32
N LYS B 334 31.63 10.84 7.27
CA LYS B 334 30.73 11.99 7.36
C LYS B 334 29.56 11.73 8.31
N CYS B 335 28.98 10.53 8.27
CA CYS B 335 27.92 10.21 9.22
C CYS B 335 28.42 10.31 10.65
N ALA B 336 29.65 9.83 10.90
CA ALA B 336 30.19 9.86 12.25
C ALA B 336 30.40 11.29 12.73
N ARG B 337 30.76 12.20 11.82
CA ARG B 337 30.98 13.58 12.24
C ARG B 337 29.67 14.34 12.45
N GLU B 338 28.61 13.97 11.73
CA GLU B 338 27.34 14.66 11.81
C GLU B 338 26.41 14.10 12.88
N CYS B 339 26.68 12.90 13.37
CA CYS B 339 25.78 12.22 14.29
C CYS B 339 25.57 13.02 15.57
N PRO B 340 24.34 13.42 15.90
CA PRO B 340 24.13 14.28 17.07
C PRO B 340 24.45 13.62 18.39
N SER B 341 24.64 12.29 18.44
CA SER B 341 24.90 11.59 19.69
C SER B 341 26.29 10.94 19.74
N LYS B 342 27.12 11.15 18.72
CA LYS B 342 28.42 10.49 18.59
C LYS B 342 28.30 8.97 18.73
N ALA B 343 27.22 8.41 18.19
CA ALA B 343 27.01 6.98 18.28
C ALA B 343 27.88 6.21 17.28
N ILE B 344 28.23 6.82 16.16
CA ILE B 344 28.89 6.12 15.06
C ILE B 344 30.39 6.24 15.20
N THR B 345 31.09 5.11 15.12
CA THR B 345 32.54 5.10 15.29
C THR B 345 33.26 5.75 14.11
N GLU B 346 34.38 6.39 14.41
CA GLU B 346 35.35 6.82 13.40
C GLU B 346 36.48 5.83 13.23
N GLY B 347 36.47 4.73 13.99
CA GLY B 347 37.55 3.78 13.96
C GLY B 347 37.35 2.69 12.92
N PRO B 348 38.23 1.69 12.93
CA PRO B 348 38.13 0.59 11.97
C PRO B 348 37.17 -0.49 12.44
N ARG B 349 36.91 -1.44 11.53
CA ARG B 349 36.01 -2.54 11.84
C ARG B 349 36.71 -3.56 12.73
N THR B 350 35.94 -4.12 13.67
CA THR B 350 36.45 -5.17 14.56
C THR B 350 35.39 -6.25 14.70
N PHE B 351 35.78 -7.34 15.39
CA PHE B 351 34.87 -8.42 15.73
C PHE B 351 34.26 -8.28 17.12
N GLU B 352 34.55 -7.19 17.82
CA GLU B 352 34.17 -7.05 19.21
C GLU B 352 33.14 -5.93 19.36
N GLY B 353 31.94 -6.30 19.82
CA GLY B 353 30.88 -5.33 20.00
C GLY B 353 31.26 -4.28 21.03
N ARG B 354 30.70 -3.08 20.83
CA ARG B 354 30.96 -2.01 21.79
C ARG B 354 30.12 -2.14 23.05
N SER B 355 28.94 -2.79 22.96
CA SER B 355 28.09 -2.98 24.12
C SER B 355 27.17 -4.16 23.86
N ILE B 356 26.29 -4.42 24.82
CA ILE B 356 25.33 -5.52 24.73
C ILE B 356 24.49 -5.44 23.46
N HIS B 357 24.32 -4.24 22.90
CA HIS B 357 23.43 -4.07 21.76
C HIS B 357 24.03 -4.59 20.45
N ASN B 358 25.34 -4.79 20.38
CA ASN B 358 26.01 -5.31 19.20
C ASN B 358 26.20 -6.82 19.28
N GLN B 359 26.10 -7.49 18.14
CA GLN B 359 26.46 -8.90 18.03
C GLN B 359 27.96 -9.02 17.75
N SER B 360 28.71 -9.55 18.72
CA SER B 360 30.13 -9.81 18.50
C SER B 360 30.31 -11.02 17.58
N GLY B 361 31.48 -11.09 16.96
CA GLY B 361 31.84 -12.21 16.12
C GLY B 361 31.74 -11.98 14.63
N LYS B 362 31.39 -10.77 14.20
CA LYS B 362 31.33 -10.43 12.78
C LYS B 362 32.07 -9.12 12.57
N LEU B 363 32.80 -9.04 11.46
CA LEU B 363 33.62 -7.88 11.16
C LEU B 363 32.74 -6.74 10.68
N GLN B 364 32.61 -5.69 11.49
CA GLN B 364 31.72 -4.58 11.18
C GLN B 364 32.20 -3.35 11.93
N TRP B 365 31.70 -2.19 11.49
CA TRP B 365 31.87 -0.97 12.28
C TRP B 365 30.96 -1.06 13.49
N GLN B 366 31.56 -0.92 14.67
CA GLN B 366 30.86 -1.11 15.94
C GLN B 366 30.38 0.23 16.46
N ASN B 367 29.07 0.40 16.53
CA ASN B 367 28.46 1.66 16.92
C ASN B 367 27.77 1.52 18.27
N ASP B 368 27.63 2.65 18.98
CA ASP B 368 26.97 2.64 20.30
C ASP B 368 25.52 3.03 20.11
N TYR B 369 24.66 2.03 20.11
CA TYR B 369 23.28 2.25 19.73
C TYR B 369 22.42 2.72 20.90
N ASN B 370 22.92 2.68 22.14
CA ASN B 370 22.23 3.37 23.23
C ASN B 370 22.38 4.88 23.12
N LYS B 371 23.54 5.34 22.63
CA LYS B 371 23.71 6.77 22.37
C LYS B 371 22.74 7.25 21.30
N CYS B 372 22.57 6.47 20.24
CA CYS B 372 21.60 6.82 19.20
C CYS B 372 20.20 6.94 19.78
N LEU B 373 19.72 5.90 20.48
CA LEU B 373 18.36 5.93 21.00
C LEU B 373 18.14 7.11 21.94
N GLY B 374 19.17 7.45 22.74
CA GLY B 374 19.05 8.58 23.65
C GLY B 374 18.75 9.90 22.96
N TYR B 375 19.14 10.04 21.69
CA TYR B 375 18.84 11.28 21.01
C TYR B 375 17.39 11.36 20.54
N TRP B 376 16.68 10.23 20.53
CA TRP B 376 15.31 10.26 19.98
C TRP B 376 14.34 11.00 20.90
N PRO B 377 14.31 10.78 22.23
CA PRO B 377 13.45 11.63 23.07
C PRO B 377 13.88 13.09 23.06
N GLU B 378 15.18 13.36 22.94
N GLU B 378 15.19 13.36 22.95
CA GLU B 378 15.64 14.75 22.94
CA GLU B 378 15.67 14.73 22.94
C GLU B 378 15.18 15.50 21.70
C GLU B 378 15.14 15.48 21.71
N SER B 379 15.12 14.82 20.56
CA SER B 379 14.73 15.44 19.32
C SER B 379 13.26 15.22 18.97
N GLY B 380 12.58 14.31 19.67
CA GLY B 380 11.19 14.06 19.39
C GLY B 380 10.92 13.31 18.09
N GLY B 381 11.84 12.48 17.66
CA GLY B 381 11.71 11.79 16.38
C GLY B 381 12.55 10.53 16.32
N TYR B 382 12.89 10.11 15.09
CA TYR B 382 13.72 8.93 14.86
C TYR B 382 15.03 9.32 14.20
N CYS B 383 15.45 10.58 14.35
CA CYS B 383 16.67 11.15 13.79
C CYS B 383 16.81 10.83 12.31
N GLY B 384 17.79 10.02 11.95
CA GLY B 384 18.09 9.75 10.55
C GLY B 384 19.12 10.65 9.93
N VAL B 385 19.85 11.44 10.74
CA VAL B 385 20.81 12.38 10.18
C VAL B 385 21.90 11.63 9.40
N CYS B 386 22.28 10.45 9.88
CA CYS B 386 23.31 9.66 9.20
C CYS B 386 22.86 9.28 7.79
N VAL B 387 21.62 8.80 7.66
CA VAL B 387 21.07 8.50 6.34
C VAL B 387 21.04 9.75 5.47
N ALA B 388 20.63 10.88 6.06
CA ALA B 388 20.44 12.11 5.29
C ALA B 388 21.75 12.63 4.73
N VAL B 389 22.85 12.53 5.49
CA VAL B 389 24.11 13.14 5.07
C VAL B 389 24.98 12.21 4.23
N CYS B 390 24.65 10.93 4.15
CA CYS B 390 25.51 9.97 3.47
C CYS B 390 25.59 10.33 1.98
N PRO B 391 26.79 10.42 1.40
CA PRO B 391 26.86 10.72 -0.03
C PRO B 391 26.08 9.75 -0.90
N PHE B 392 25.93 8.49 -0.47
CA PHE B 392 25.21 7.52 -1.29
C PHE B 392 23.72 7.81 -1.35
N THR B 393 23.18 8.58 -0.40
CA THR B 393 21.78 8.95 -0.43
C THR B 393 21.48 9.94 -1.55
N LYS B 394 22.47 10.70 -2.00
CA LYS B 394 22.24 11.76 -2.99
C LYS B 394 21.88 11.19 -4.37
N ASN B 431 13.85 23.71 3.71
CA ASN B 431 13.17 23.59 4.98
C ASN B 431 11.85 22.85 4.82
N ILE B 432 11.11 22.68 5.92
CA ILE B 432 9.95 21.79 5.85
C ILE B 432 8.76 22.43 5.14
N THR B 433 8.62 23.76 5.18
CA THR B 433 7.58 24.39 4.37
C THR B 433 7.79 24.10 2.89
N GLU B 434 9.04 24.16 2.43
CA GLU B 434 9.33 23.88 1.03
C GLU B 434 9.05 22.42 0.67
N VAL B 435 9.17 21.50 1.63
CA VAL B 435 8.83 20.11 1.35
C VAL B 435 7.32 19.96 1.17
N TRP B 436 6.54 20.55 2.08
CA TRP B 436 5.08 20.49 1.97
C TRP B 436 4.58 21.16 0.71
N ASP B 437 5.29 22.20 0.23
CA ASP B 437 4.87 22.92 -0.96
C ASP B 437 5.52 22.38 -2.24
N GLY B 438 6.38 21.37 -2.13
CA GLY B 438 7.23 20.95 -3.21
C GLY B 438 6.83 19.64 -3.84
N LYS B 439 7.80 19.02 -4.52
CA LYS B 439 7.55 17.85 -5.35
C LYS B 439 7.13 16.65 -4.52
N ILE B 440 6.09 15.95 -4.98
CA ILE B 440 5.71 14.66 -4.39
C ILE B 440 5.07 13.82 -5.49
N ASN B 441 5.02 12.51 -5.26
CA ASN B 441 4.43 11.59 -6.23
C ASN B 441 4.00 10.37 -5.40
N THR B 442 3.43 9.39 -6.07
CA THR B 442 2.76 8.30 -5.36
C THR B 442 3.73 7.54 -4.45
N TYR B 443 3.32 7.32 -3.19
CA TYR B 443 4.13 6.68 -2.16
C TYR B 443 5.45 7.41 -1.90
N GLY B 444 5.54 8.67 -2.31
CA GLY B 444 6.78 9.40 -2.16
C GLY B 444 7.89 8.99 -3.11
N LEU B 445 7.60 8.14 -4.09
CA LEU B 445 8.58 7.79 -5.10
C LEU B 445 8.83 8.97 -6.01
N ASP B 446 9.98 8.96 -6.70
CA ASP B 446 10.45 10.08 -7.51
C ASP B 446 10.58 9.62 -8.96
N ALA B 447 9.79 10.24 -9.84
CA ALA B 447 9.81 9.83 -11.25
C ALA B 447 11.12 10.17 -11.95
N ASP B 448 11.93 11.05 -11.37
CA ASP B 448 13.26 11.31 -11.93
C ASP B 448 14.18 10.10 -11.81
N HIS B 449 13.88 9.18 -10.89
CA HIS B 449 14.71 8.02 -10.63
C HIS B 449 13.98 6.69 -10.77
N PHE B 450 12.65 6.70 -10.89
CA PHE B 450 11.86 5.47 -10.86
C PHE B 450 12.26 4.50 -11.98
N ARG B 451 12.80 5.00 -13.09
CA ARG B 451 13.24 4.09 -14.14
C ARG B 451 14.33 3.15 -13.65
N ASP B 452 15.09 3.54 -12.63
CA ASP B 452 16.18 2.70 -12.14
C ASP B 452 15.71 1.37 -11.58
N THR B 453 14.44 1.25 -11.17
CA THR B 453 13.96 0.00 -10.60
C THR B 453 13.03 -0.75 -11.55
N VAL B 454 13.01 -0.40 -12.84
CA VAL B 454 12.28 -1.22 -13.80
C VAL B 454 12.91 -2.60 -13.84
N SER B 455 12.10 -3.61 -14.11
CA SER B 455 12.55 -4.99 -14.04
C SER B 455 11.98 -5.81 -15.18
N PHE B 456 12.84 -6.59 -15.83
CA PHE B 456 12.45 -7.59 -16.81
C PHE B 456 12.96 -8.94 -16.31
N ARG B 457 12.50 -10.03 -16.96
CA ARG B 457 12.92 -11.35 -16.52
C ARG B 457 14.44 -11.49 -16.45
N LYS B 458 15.15 -10.88 -17.40
CA LYS B 458 16.60 -11.07 -17.42
C LYS B 458 17.28 -10.59 -16.16
N ASP B 459 16.70 -9.60 -15.46
CA ASP B 459 17.29 -9.13 -14.23
C ASP B 459 16.63 -9.73 -12.98
N ARG B 460 15.55 -10.51 -13.15
CA ARG B 460 14.97 -11.23 -12.02
C ARG B 460 15.63 -12.59 -11.82
N VAL B 461 16.02 -13.27 -12.89
CA VAL B 461 16.69 -14.55 -12.74
C VAL B 461 17.57 -14.87 -13.95
FE1 SF4 C . -13.84 4.06 -24.17
FE2 SF4 C . -16.05 5.60 -24.60
FE3 SF4 C . -16.29 2.89 -24.65
FE4 SF4 C . -14.95 4.16 -26.67
S1 SF4 C . -17.20 4.36 -26.14
S2 SF4 C . -14.27 2.31 -25.56
S3 SF4 C . -13.96 5.90 -25.53
S4 SF4 C . -15.75 4.17 -22.84
FE1 SF4 D . -16.67 -7.26 -19.29
FE2 SF4 D . -16.96 -4.56 -19.17
FE3 SF4 D . -18.68 -6.21 -17.86
FE4 SF4 D . -18.77 -6.09 -20.54
S1 SF4 D . -19.25 -4.36 -19.08
S2 SF4 D . -18.84 -8.03 -19.30
S3 SF4 D . -16.59 -5.83 -21.07
S4 SF4 D . -16.47 -5.94 -17.40
C4 OBL E . -15.27 -0.48 -11.24
C5 OBL E . -14.68 -1.39 -12.28
C6 OBL E . -15.40 -2.47 -12.76
C7 OBL E . -15.00 -3.45 -13.86
C8 OBL E . -16.41 -3.79 -14.41
C9 OBL E . -17.26 -3.63 -13.17
C10 OBL E . -18.46 -4.33 -13.04
C11 OBL E . -19.32 -4.17 -11.96
C12 OBL E . -20.63 -4.93 -11.89
C13 OBL E . -21.30 -4.40 -10.57
C14 OBL E . -20.28 -3.30 -10.08
C15 OBL E . -20.45 -2.58 -8.93
C16 OBL E . -19.49 -1.54 -8.51
C17 OBL E . -19.57 -0.64 -7.28
C18 OBL E . -18.52 0.42 -7.67
C2 OBL E . -15.43 1.11 -9.47
C1 OBL E . -16.81 0.40 -9.76
C3 OBL E . -14.61 0.80 -10.78
C19 OBL E . -17.54 -0.34 -8.56
C26 OBL E . -14.67 0.35 -8.35
C25 OBL E . -15.56 2.62 -9.12
C20 OBL E . -17.83 1.24 -10.49
CO OBL E . -17.63 -2.13 -10.76
N21 OBL E . -16.41 -0.70 -10.64
N22 OBL E . -16.71 -2.71 -12.35
N23 OBL E . -19.15 -3.29 -10.95
N24 OBL E . -18.39 -1.35 -9.22
C27 OBL E . -13.27 0.85 -7.94
O28 OBL E . -12.65 1.65 -8.64
N29 OBL E . -12.81 0.39 -6.79
C30 OBL E . -14.65 1.94 -11.82
C31 OBL E . -13.39 2.80 -11.77
C32 OBL E . -13.47 4.01 -12.66
O34 OBL E . -14.52 4.68 -12.74
N33 OBL E . -12.35 4.35 -13.30
C35 OBL E . -13.31 -0.93 -12.72
C36 OBL E . -14.09 -2.97 -15.02
C37 OBL E . -14.45 -4.77 -13.25
C38 OBL E . -13.00 -4.75 -12.85
O39 OBL E . -12.59 -3.90 -12.04
N40 OBL E . -12.22 -5.68 -13.37
C41 OBL E . -16.79 -2.71 -15.44
C42 OBL E . -18.28 -2.67 -15.79
C43 OBL E . -18.73 -1.32 -16.32
O44 OBL E . -19.23 -0.47 -15.57
N45 OBL E . -18.59 -1.14 -17.62
C46 OBL E . -20.41 -6.44 -11.77
C47 OBL E . -21.41 -4.64 -13.17
C48 OBL E . -22.76 -3.94 -10.78
C49 OBL E . -23.00 -2.46 -11.09
C50 OBL E . -24.43 -2.04 -10.79
O51 OBL E . -25.21 -2.79 -10.20
N52 OBL E . -24.77 -0.81 -11.18
C53 OBL E . -21.62 -2.84 -8.03
C54 OBL E . -19.14 -1.49 -6.06
C55 OBL E . -20.89 0.11 -7.00
C56 OBL E . -21.46 0.87 -8.21
C57 OBL E . -22.87 1.35 -7.93
O58 OBL E . -23.17 1.84 -6.84
N59 OBL E . -23.75 1.22 -8.91
C60 OBL E . -17.83 1.17 -6.52
C61 OBL E . -18.71 2.31 -6.04
O63 OBL E . -19.09 3.18 -6.82
N62 OBL E . -19.04 2.29 -4.76
C1P OBL E . -25.15 1.58 -8.77
C2P OBL E . -25.60 2.74 -9.72
O3 OBL E . -25.48 2.27 -11.03
O4 OBL E . -26.71 4.35 -11.87
O5 OBL E . -25.92 2.52 -13.46
P OBL E . -25.71 3.33 -12.22
O2 OBL E . -24.25 3.99 -12.27
C3R OBL E . -23.12 3.28 -12.73
C2R OBL E . -22.30 4.10 -13.72
O7R OBL E . -23.12 4.88 -14.58
C1R OBL E . -21.49 4.98 -12.75
O6R OBL E . -21.25 4.20 -11.59
C4R OBL E . -22.13 3.03 -11.60
C5R OBL E . -21.28 1.80 -11.76
O8R OBL E . -22.04 0.60 -11.65
N1B OBL E . -22.13 6.22 -12.33
C8B OBL E . -22.27 7.39 -13.07
C2B OBL E . -22.67 6.47 -11.10
N3B OBL E . -23.16 7.68 -10.98
C9B OBL E . -22.92 8.28 -12.21
C4B OBL E . -23.26 9.54 -12.67
C5B OBL E . -22.96 9.91 -13.98
C6B OBL E . -22.30 9.00 -14.84
C7B OBL E . -21.94 7.73 -14.37
C5M OBL E . -23.08 11.43 -15.83
O5M OBL E . -23.32 11.15 -14.45
C1 BEN F . -27.78 -12.32 -0.80
C2 BEN F . -28.08 -13.36 0.06
C3 BEN F . -29.11 -14.25 -0.24
C4 BEN F . -29.85 -14.09 -1.41
C5 BEN F . -29.55 -13.05 -2.28
C6 BEN F . -28.52 -12.16 -1.98
C BEN F . -26.75 -11.42 -0.50
N1 BEN F . -26.13 -11.45 0.66
N2 BEN F . -26.37 -10.51 -1.39
C1 GOL G . -5.64 -1.70 10.73
O1 GOL G . -5.43 -2.89 11.46
C2 GOL G . -6.76 -0.90 11.38
O2 GOL G . -6.38 -0.53 12.69
C3 GOL G . -8.02 -1.75 11.41
O3 GOL G . -9.12 -0.96 11.75
C1 GOL H . -24.64 13.92 -25.29
O1 GOL H . -25.25 15.18 -25.06
C2 GOL H . -25.72 12.85 -25.44
O2 GOL H . -26.55 12.87 -24.29
C3 GOL H . -25.04 11.49 -25.59
O3 GOL H . -26.01 10.51 -25.89
C1 GOL I . -12.63 21.23 -26.49
O1 GOL I . -11.46 20.83 -27.15
C2 GOL I . -13.39 19.98 -26.06
O2 GOL I . -12.48 18.93 -25.91
C3 GOL I . -14.10 20.23 -24.73
O3 GOL I . -15.20 19.34 -24.65
C1 GOL J . -33.72 11.42 -23.78
O1 GOL J . -33.13 11.57 -22.49
C2 GOL J . -32.69 11.49 -24.90
O2 GOL J . -32.08 10.21 -24.94
C3 GOL J . -33.49 11.68 -26.19
O3 GOL J . -32.64 11.71 -27.33
FE1 SF4 K . 27.84 7.05 4.21
FE2 SF4 K . 29.97 5.43 4.77
FE3 SF4 K . 29.01 7.09 6.74
FE4 SF4 K . 30.32 8.14 4.58
S1 SF4 K . 31.16 6.75 6.20
S2 SF4 K . 28.36 8.88 5.43
S3 SF4 K . 29.66 6.72 2.92
S4 SF4 K . 27.92 5.35 5.78
FE1 SF4 L . 20.96 10.04 14.41
FE2 SF4 L . 22.13 8.04 12.91
FE3 SF4 L . 21.33 7.60 15.45
FE4 SF4 L . 23.45 9.21 15.06
S1 SF4 L . 23.28 6.97 14.52
S2 SF4 L . 21.75 9.60 16.51
S3 SF4 L . 22.82 10.24 13.13
S4 SF4 L . 19.98 8.05 13.70
C4 OBL M . 17.06 1.05 10.31
C5 OBL M . 17.14 2.54 10.28
C6 OBL M . 17.44 3.26 11.43
C7 OBL M . 17.59 4.78 11.63
C8 OBL M . 18.62 4.78 12.79
C9 OBL M . 18.24 3.50 13.49
C10 OBL M . 18.44 3.36 14.88
C11 OBL M . 18.18 2.20 15.56
C12 OBL M . 18.46 2.12 17.05
C13 OBL M . 18.07 0.65 17.42
C14 OBL M . 17.66 0.04 16.03
C15 OBL M . 17.16 -1.24 15.89
C16 OBL M . 16.79 -1.78 14.54
C17 OBL M . 16.29 -3.19 14.21
C18 OBL M . 16.50 -3.18 12.68
C2 OBL M . 16.49 -1.19 9.68
C1 OBL M . 17.12 -1.10 11.13
C3 OBL M . 16.92 0.19 9.06
C19 OBL M . 16.30 -1.70 12.31
C26 OBL M . 14.94 -1.17 9.81
C25 OBL M . 16.98 -2.44 8.91
C20 OBL M . 18.55 -1.61 11.20
CO OBL M . 17.22 0.85 13.19
N21 OBL M . 17.12 0.33 11.38
N22 OBL M . 17.77 2.59 12.62
N23 OBL M . 17.76 1.04 15.03
N24 OBL M . 16.81 -0.97 13.51
C27 OBL M . 14.15 -1.19 8.50
O28 OBL M . 14.70 -0.94 7.43
N29 OBL M . 12.86 -1.48 8.61
C30 OBL M . 18.18 0.11 8.19
C31 OBL M . 17.86 0.08 6.69
C32 OBL M . 19.08 -0.16 5.82
O34 OBL M . 19.98 -0.92 6.19
N33 OBL M . 19.10 0.47 4.66
C35 OBL M . 16.88 3.08 8.90
C36 OBL M . 18.14 5.59 10.44
C37 OBL M . 16.28 5.41 12.17
C38 OBL M . 15.25 5.74 11.07
O39 OBL M . 14.84 4.84 10.32
N40 OBL M . 14.79 6.98 11.03
C41 OBL M . 20.06 4.67 12.24
C42 OBL M . 21.07 4.04 13.20
C43 OBL M . 22.19 3.29 12.53
O44 OBL M . 22.22 2.05 12.50
N45 OBL M . 23.16 4.04 12.01
C46 OBL M . 17.64 3.13 17.87
C47 OBL M . 19.95 2.46 17.20
C48 OBL M . 19.14 -0.10 18.24
C49 OBL M . 20.13 -0.95 17.44
C50 OBL M . 20.81 -2.01 18.28
O51 OBL M . 20.45 -2.25 19.45
N52 OBL M . 21.79 -2.69 17.68
C53 OBL M . 16.93 -2.13 17.09
C54 OBL M . 14.80 -3.31 14.62
C55 OBL M . 17.09 -4.39 14.79
C56 OBL M . 18.60 -4.21 14.60
C57 OBL M . 19.32 -5.32 15.34
O58 OBL M . 18.85 -6.45 15.42
N59 OBL M . 20.45 -4.98 15.93
C60 OBL M . 15.63 -4.16 11.87
C61 OBL M . 16.21 -5.57 11.85
O63 OBL M . 17.37 -5.77 11.48
N62 OBL M . 15.40 -6.54 12.26
C1P OBL M . 21.19 -5.88 16.80
C2P OBL M . 22.60 -6.24 16.27
O3 OBL M . 23.37 -5.07 16.17
O4 OBL M . 25.51 -6.36 15.54
O5 OBL M . 25.49 -3.79 15.91
P OBL M . 24.82 -5.06 15.46
O2 OBL M . 24.37 -4.77 13.93
C3R OBL M . 23.85 -3.55 13.43
C2R OBL M . 24.49 -3.11 12.12
O7R OBL M . 25.88 -3.42 12.12
C1R OBL M . 23.71 -3.96 11.13
O6R OBL M . 22.39 -4.07 11.63
C4R OBL M . 22.38 -3.75 13.05
C5R OBL M . 21.49 -2.55 13.28
O8R OBL M . 21.37 -2.24 14.66
N1B OBL M . 24.23 -5.32 10.93
C8B OBL M . 25.32 -5.66 10.17
C2B OBL M . 23.68 -6.49 11.37
N3B OBL M . 24.32 -7.56 10.96
C9B OBL M . 25.37 -7.05 10.20
C4B OBL M . 26.41 -7.71 9.55
C5B OBL M . 27.39 -6.98 8.89
C6B OBL M . 27.33 -5.57 8.87
C7B OBL M . 26.27 -4.91 9.51
C5M OBL M . 29.53 -6.81 7.85
O5M OBL M . 28.44 -7.61 8.28
C1 GOL N . -4.96 -8.52 7.37
O1 GOL N . -6.03 -8.09 8.19
C2 GOL N . -4.48 -9.89 7.82
O2 GOL N . -5.47 -10.85 7.50
C3 GOL N . -4.21 -9.86 9.33
O3 GOL N . -3.50 -11.02 9.70
#